data_3A52
#
_entry.id   3A52
#
_cell.length_a   64.059
_cell.length_b   95.863
_cell.length_c   71.058
_cell.angle_alpha   90.000
_cell.angle_beta   101.620
_cell.angle_gamma   90.000
#
_symmetry.space_group_name_H-M   'P 1 21 1'
#
loop_
_entity.id
_entity.type
_entity.pdbx_description
1 polymer 'Cold-active alkaline phosphatase'
2 non-polymer 'SULFATE ION'
3 non-polymer 'ZINC ION'
4 non-polymer 'MAGNESIUM ION'
5 water water
#
_entity_poly.entity_id   1
_entity_poly.type   'polypeptide(L)'
_entity_poly.pdbx_seq_one_letter_code
;MGMIIMVGDGMGPAYTSAYRYFQDNPDTEEIEQTVFDRLLVGMASTYPARESGYVTDSAASATALATGFKSYNGAIAVDI
NKRPLTTIMQMAKARGMSTGVAVTAQVNHATPAAFLTHNESRKNYEAIAADMLKSDADVILGGGRKYFSEALVSQFSAKG
YQHITELAQLDSITQPKVLGLFAEVQLPWVIDDTDANTLSKLTQKSLDLLSQNEKGFVLLVEGSLIDWAGHNNDIATAMA
EMQGFANAIEVVEQYIRQHPDTLLVVTADHNTGGLSIGANGEYQWDTKLPKGISASPASIATHAIAADDWQAGVNQQLGF
DVNSTELQQLTNARMQGKSTLEVALKKIIDTRSYTGWTTSGHTGVDVQVFAMGPAADLFKGNQDNTHIAEKMMSLLPKVN
;
_entity_poly.pdbx_strand_id   A,B
#
# COMPACT_ATOMS: atom_id res chain seq x y z
N MET A 1 16.76 28.41 3.00
CA MET A 1 15.35 28.02 3.25
C MET A 1 15.32 26.95 4.33
N GLY A 2 14.16 26.79 4.97
CA GLY A 2 14.04 25.77 5.99
C GLY A 2 13.64 24.46 5.34
N MET A 3 14.03 23.34 5.94
CA MET A 3 13.69 22.04 5.39
C MET A 3 13.33 21.08 6.51
N ILE A 4 12.22 20.36 6.33
CA ILE A 4 11.79 19.40 7.33
C ILE A 4 11.52 18.04 6.68
N ILE A 5 12.24 17.03 7.12
CA ILE A 5 12.03 15.69 6.60
C ILE A 5 11.37 14.93 7.73
N MET A 6 10.13 14.50 7.51
CA MET A 6 9.39 13.78 8.52
C MET A 6 9.23 12.32 8.13
N VAL A 7 9.64 11.44 9.02
CA VAL A 7 9.55 10.00 8.75
C VAL A 7 8.55 9.28 9.64
N GLY A 8 7.58 8.64 9.02
CA GLY A 8 6.62 7.86 9.79
C GLY A 8 7.17 6.45 9.74
N ASP A 9 8.03 6.12 10.69
CA ASP A 9 8.66 4.80 10.74
C ASP A 9 7.65 3.66 10.64
N GLY A 10 7.79 2.84 9.59
CA GLY A 10 6.89 1.71 9.38
C GLY A 10 5.49 2.06 8.88
N MET A 11 5.30 3.32 8.50
CA MET A 11 4.01 3.82 8.05
C MET A 11 3.64 3.57 6.59
N GLY A 12 3.43 2.31 6.22
CA GLY A 12 3.06 2.00 4.85
C GLY A 12 1.69 2.56 4.51
N PRO A 13 1.22 2.39 3.26
CA PRO A 13 -0.08 2.86 2.75
C PRO A 13 -1.29 2.49 3.61
N ALA A 14 -1.27 1.31 4.21
CA ALA A 14 -2.38 0.85 5.04
C ALA A 14 -2.56 1.70 6.28
N TYR A 15 -1.45 2.17 6.85
CA TYR A 15 -1.49 2.99 8.05
C TYR A 15 -2.18 4.32 7.81
N THR A 16 -1.83 5.00 6.74
CA THR A 16 -2.44 6.29 6.43
C THR A 16 -3.90 6.11 6.02
N SER A 17 -4.19 5.03 5.29
CA SER A 17 -5.56 4.77 4.86
C SER A 17 -6.39 4.48 6.12
N ALA A 18 -5.84 3.66 7.01
CA ALA A 18 -6.52 3.31 8.25
C ALA A 18 -6.79 4.55 9.09
N TYR A 19 -5.81 5.45 9.17
CA TYR A 19 -5.95 6.66 9.96
C TYR A 19 -7.16 7.47 9.49
N ARG A 20 -7.35 7.54 8.18
CA ARG A 20 -8.47 8.28 7.63
C ARG A 20 -9.79 7.69 8.12
N TYR A 21 -9.92 6.38 8.00
CA TYR A 21 -11.15 5.74 8.41
C TYR A 21 -11.31 5.75 9.92
N PHE A 22 -10.20 5.67 10.65
CA PHE A 22 -10.25 5.70 12.10
C PHE A 22 -10.72 7.07 12.61
N GLN A 23 -10.25 8.12 11.96
CA GLN A 23 -10.60 9.50 12.35
C GLN A 23 -11.93 9.99 11.76
N ASP A 24 -12.48 9.23 10.81
CA ASP A 24 -13.74 9.58 10.16
C ASP A 24 -14.84 9.85 11.19
N ASN A 25 -15.49 11.00 11.06
CA ASN A 25 -16.57 11.37 11.97
C ASN A 25 -17.83 10.61 11.59
N PRO A 26 -18.29 9.69 12.46
CA PRO A 26 -19.48 8.88 12.22
C PRO A 26 -20.77 9.69 12.03
N ASP A 27 -20.74 10.97 12.35
CA ASP A 27 -21.93 11.82 12.20
C ASP A 27 -21.96 12.57 10.87
N THR A 28 -20.79 12.84 10.32
CA THR A 28 -20.72 13.54 9.04
C THR A 28 -20.90 12.51 7.93
N GLU A 29 -21.61 12.89 6.88
CA GLU A 29 -21.87 11.97 5.77
C GLU A 29 -20.60 11.51 5.06
N GLU A 30 -19.84 12.47 4.55
CA GLU A 30 -18.62 12.13 3.82
C GLU A 30 -17.45 11.83 4.74
N ILE A 31 -16.41 11.24 4.15
CA ILE A 31 -15.20 10.90 4.88
C ILE A 31 -14.24 12.07 4.72
N GLU A 32 -13.91 12.71 5.84
CA GLU A 32 -13.01 13.86 5.85
C GLU A 32 -11.58 13.50 5.48
N GLN A 33 -10.96 14.37 4.68
CA GLN A 33 -9.56 14.18 4.26
C GLN A 33 -8.65 14.33 5.46
N THR A 34 -7.55 13.61 5.48
CA THR A 34 -6.60 13.72 6.57
C THR A 34 -5.47 14.58 6.03
N VAL A 35 -4.52 14.95 6.88
CA VAL A 35 -3.40 15.76 6.44
C VAL A 35 -2.59 15.00 5.39
N PHE A 36 -2.60 13.67 5.45
CA PHE A 36 -1.85 12.88 4.48
C PHE A 36 -2.49 13.01 3.10
N ASP A 37 -3.82 12.96 3.06
CA ASP A 37 -4.55 13.07 1.80
C ASP A 37 -4.26 14.39 1.09
N ARG A 38 -4.22 15.46 1.86
CA ARG A 38 -3.97 16.78 1.31
C ARG A 38 -2.54 16.96 0.80
N LEU A 39 -1.59 16.24 1.38
CA LEU A 39 -0.20 16.40 0.96
C LEU A 39 0.40 15.33 0.05
N LEU A 40 -0.34 14.28 -0.27
CA LEU A 40 0.19 13.22 -1.12
C LEU A 40 0.70 13.72 -2.48
N VAL A 41 1.93 13.35 -2.82
CA VAL A 41 2.50 13.74 -4.10
C VAL A 41 3.08 12.56 -4.88
N GLY A 42 3.46 11.50 -4.17
CA GLY A 42 4.02 10.34 -4.85
C GLY A 42 4.23 9.09 -4.00
N MET A 43 5.11 8.20 -4.46
CA MET A 43 5.42 6.98 -3.74
C MET A 43 6.89 6.66 -3.94
N ALA A 44 7.43 5.81 -3.06
CA ALA A 44 8.83 5.44 -3.16
C ALA A 44 9.11 3.97 -2.84
N SER A 45 10.10 3.42 -3.55
CA SER A 45 10.52 2.04 -3.33
C SER A 45 11.42 2.07 -2.10
N THR A 46 11.34 1.04 -1.26
CA THR A 46 12.13 1.02 -0.03
C THR A 46 13.25 -0.02 0.09
N TYR A 47 13.44 -0.83 -0.95
CA TYR A 47 14.46 -1.87 -0.91
C TYR A 47 15.86 -1.36 -0.55
N PRO A 48 16.64 -2.20 0.17
CA PRO A 48 18.01 -1.86 0.59
C PRO A 48 18.99 -2.27 -0.50
N ALA A 49 20.29 -2.29 -0.18
CA ALA A 49 21.28 -2.70 -1.16
C ALA A 49 21.01 -4.15 -1.53
N ARG A 50 21.39 -4.52 -2.74
CA ARG A 50 21.16 -5.85 -3.27
C ARG A 50 21.45 -7.01 -2.34
N GLU A 51 22.58 -6.95 -1.63
CA GLU A 51 22.96 -8.03 -0.73
C GLU A 51 22.01 -8.27 0.43
N SER A 52 21.10 -7.33 0.70
CA SER A 52 20.17 -7.49 1.80
C SER A 52 18.77 -7.96 1.38
N GLY A 53 18.58 -8.23 0.10
CA GLY A 53 17.27 -8.69 -0.35
C GLY A 53 16.35 -7.54 -0.71
N TYR A 54 15.03 -7.78 -0.61
CA TYR A 54 14.05 -6.76 -0.96
C TYR A 54 13.38 -6.08 0.23
N VAL A 55 13.62 -6.61 1.43
CA VAL A 55 13.02 -6.06 2.63
C VAL A 55 14.07 -5.36 3.50
N THR A 56 13.94 -4.05 3.56
CA THR A 56 14.85 -3.19 4.31
C THR A 56 14.52 -3.12 5.80
N ASP A 57 15.51 -2.72 6.59
CA ASP A 57 15.28 -2.52 8.00
C ASP A 57 15.32 -1.00 8.11
N SER A 58 15.15 -0.45 9.31
CA SER A 58 15.15 1.00 9.47
C SER A 58 16.50 1.69 9.22
N ALA A 59 17.59 1.00 9.53
CA ALA A 59 18.92 1.58 9.34
C ALA A 59 19.21 1.80 7.86
N ALA A 60 18.96 0.78 7.04
CA ALA A 60 19.21 0.87 5.62
C ALA A 60 18.30 1.91 4.95
N SER A 61 17.03 1.91 5.32
CA SER A 61 16.09 2.86 4.74
C SER A 61 16.42 4.30 5.14
N ALA A 62 16.79 4.50 6.41
CA ALA A 62 17.14 5.84 6.86
C ALA A 62 18.43 6.30 6.17
N THR A 63 19.36 5.36 5.98
CA THR A 63 20.62 5.68 5.30
C THR A 63 20.32 6.17 3.88
N ALA A 64 19.34 5.54 3.23
CA ALA A 64 18.99 5.93 1.88
C ALA A 64 18.38 7.32 1.85
N LEU A 65 17.58 7.64 2.87
CA LEU A 65 16.93 8.92 2.97
C LEU A 65 17.82 10.09 3.37
N ALA A 66 18.88 9.82 4.12
CA ALA A 66 19.79 10.87 4.58
C ALA A 66 21.04 11.05 3.70
N THR A 67 21.38 10.03 2.93
CA THR A 67 22.56 10.09 2.09
C THR A 67 22.30 9.92 0.60
N GLY A 68 21.21 9.27 0.25
CA GLY A 68 20.92 9.03 -1.16
C GLY A 68 21.69 7.82 -1.64
N PHE A 69 22.06 6.94 -0.72
CA PHE A 69 22.79 5.71 -1.05
C PHE A 69 22.13 4.48 -0.43
N LYS A 70 22.11 3.38 -1.17
CA LYS A 70 21.56 2.14 -0.65
C LYS A 70 22.67 1.55 0.21
N SER A 71 22.33 0.60 1.06
CA SER A 71 23.31 -0.04 1.89
C SER A 71 22.66 -1.23 2.58
N TYR A 72 23.47 -2.08 3.19
CA TYR A 72 22.95 -3.26 3.87
C TYR A 72 22.07 -2.93 5.07
N ASN A 73 21.18 -3.86 5.41
CA ASN A 73 20.31 -3.67 6.56
C ASN A 73 21.20 -3.56 7.79
N GLY A 74 20.94 -2.58 8.62
CA GLY A 74 21.74 -2.37 9.82
C GLY A 74 22.76 -1.26 9.66
N ALA A 75 23.07 -0.89 8.42
CA ALA A 75 24.05 0.17 8.16
C ALA A 75 23.58 1.53 8.63
N ILE A 76 24.50 2.31 9.17
CA ILE A 76 24.21 3.66 9.67
C ILE A 76 25.08 4.68 8.94
N ALA A 77 24.61 5.16 7.79
CA ALA A 77 25.32 6.13 6.99
C ALA A 77 26.67 5.66 6.43
N VAL A 78 26.79 4.38 6.13
CA VAL A 78 28.02 3.83 5.53
C VAL A 78 27.50 3.00 4.34
N ASP A 79 28.29 2.87 3.28
CA ASP A 79 27.87 2.13 2.11
C ASP A 79 28.19 0.64 2.24
N ILE A 80 27.95 -0.12 1.18
CA ILE A 80 28.19 -1.57 1.21
C ILE A 80 29.63 -1.95 1.54
N ASN A 81 30.55 -0.99 1.40
CA ASN A 81 31.95 -1.24 1.69
C ASN A 81 32.30 -0.61 3.03
N LYS A 82 31.25 -0.25 3.77
CA LYS A 82 31.39 0.38 5.09
C LYS A 82 32.12 1.71 5.03
N ARG A 83 31.99 2.40 3.90
CA ARG A 83 32.61 3.72 3.75
C ARG A 83 31.57 4.73 4.24
N PRO A 84 31.99 5.68 5.09
CA PRO A 84 31.05 6.69 5.60
C PRO A 84 30.52 7.62 4.50
N LEU A 85 29.21 7.82 4.46
CA LEU A 85 28.58 8.68 3.47
C LEU A 85 28.24 10.02 4.08
N THR A 86 28.19 11.04 3.24
CA THR A 86 27.88 12.38 3.73
C THR A 86 26.36 12.52 3.82
N THR A 87 25.87 12.82 5.01
CA THR A 87 24.44 12.98 5.20
C THR A 87 24.04 14.39 4.81
N ILE A 88 22.74 14.59 4.58
CA ILE A 88 22.23 15.90 4.21
C ILE A 88 22.49 16.88 5.35
N MET A 89 22.54 16.38 6.60
CA MET A 89 22.81 17.23 7.74
C MET A 89 24.23 17.80 7.64
N GLN A 90 25.19 16.95 7.25
CA GLN A 90 26.58 17.41 7.11
C GLN A 90 26.61 18.46 6.02
N MET A 91 25.91 18.20 4.93
CA MET A 91 25.89 19.15 3.83
C MET A 91 25.33 20.48 4.33
N ALA A 92 24.30 20.40 5.17
CA ALA A 92 23.66 21.59 5.71
C ALA A 92 24.67 22.37 6.56
N LYS A 93 25.30 21.66 7.51
CA LYS A 93 26.30 22.27 8.37
C LYS A 93 27.40 22.93 7.56
N ALA A 94 27.94 22.20 6.59
CA ALA A 94 29.00 22.70 5.72
C ALA A 94 28.55 23.99 5.05
N ARG A 95 27.23 24.19 4.98
CA ARG A 95 26.67 25.39 4.37
C ARG A 95 26.22 26.36 5.44
N GLY A 96 26.68 26.13 6.66
CA GLY A 96 26.37 26.99 7.78
C GLY A 96 24.91 27.02 8.21
N MET A 97 24.15 25.99 7.83
CA MET A 97 22.75 25.91 8.20
C MET A 97 22.64 25.15 9.52
N SER A 98 21.55 25.36 10.24
CA SER A 98 21.33 24.67 11.49
C SER A 98 20.71 23.29 11.21
N THR A 99 20.85 22.37 12.15
CA THR A 99 20.32 21.02 11.98
C THR A 99 19.73 20.52 13.29
N GLY A 100 18.90 19.48 13.18
CA GLY A 100 18.28 18.92 14.37
C GLY A 100 17.42 17.70 14.10
N VAL A 101 17.09 16.99 15.16
CA VAL A 101 16.23 15.81 15.06
C VAL A 101 15.29 15.79 16.26
N ALA A 102 14.04 15.37 16.03
CA ALA A 102 13.03 15.28 17.08
C ALA A 102 12.31 13.96 16.81
N VAL A 103 12.45 13.00 17.73
CA VAL A 103 11.86 11.67 17.55
C VAL A 103 11.18 11.14 18.81
N THR A 104 10.44 10.04 18.67
CA THR A 104 9.76 9.43 19.82
C THR A 104 10.49 8.21 20.37
N ALA A 105 11.50 7.73 19.63
CA ALA A 105 12.32 6.61 20.06
C ALA A 105 13.56 7.25 20.68
N GLN A 106 14.58 6.47 21.01
CA GLN A 106 15.81 7.04 21.56
C GLN A 106 16.42 7.90 20.46
N VAL A 107 17.04 9.02 20.84
CA VAL A 107 17.64 9.90 19.85
C VAL A 107 18.72 9.20 19.04
N ASN A 108 19.24 8.09 19.56
CA ASN A 108 20.29 7.37 18.85
C ASN A 108 19.77 6.12 18.16
N HIS A 109 18.46 6.09 17.89
CA HIS A 109 17.87 4.97 17.20
C HIS A 109 18.28 5.07 15.74
N ALA A 110 18.06 4.00 14.97
CA ALA A 110 18.45 3.94 13.56
C ALA A 110 18.25 5.18 12.69
N THR A 111 17.00 5.60 12.52
CA THR A 111 16.70 6.75 11.67
C THR A 111 17.48 8.00 12.02
N PRO A 112 17.26 8.57 13.22
CA PRO A 112 18.02 9.77 13.54
C PRO A 112 19.52 9.52 13.50
N ALA A 113 19.93 8.30 13.84
CA ALA A 113 21.34 7.95 13.82
C ALA A 113 21.94 8.09 12.42
N ALA A 114 21.18 7.68 11.40
CA ALA A 114 21.65 7.76 10.03
C ALA A 114 21.78 9.18 9.51
N PHE A 115 21.15 10.14 10.20
CA PHE A 115 21.23 11.53 9.77
C PHE A 115 22.37 12.31 10.42
N LEU A 116 22.75 11.89 11.63
CA LEU A 116 23.79 12.59 12.38
C LEU A 116 25.11 11.82 12.62
N THR A 117 25.10 10.51 12.39
CA THR A 117 26.31 9.74 12.64
C THR A 117 26.65 8.74 11.55
N HIS A 118 27.77 8.04 11.74
CA HIS A 118 28.22 7.00 10.81
C HIS A 118 28.69 5.82 11.65
N ASN A 119 28.21 4.63 11.30
CA ASN A 119 28.59 3.43 12.02
C ASN A 119 28.19 2.23 11.19
N GLU A 120 29.07 1.23 11.17
CA GLU A 120 28.83 0.03 10.40
C GLU A 120 27.66 -0.77 10.96
N SER A 121 27.20 -0.42 12.15
CA SER A 121 26.06 -1.13 12.75
C SER A 121 25.20 -0.30 13.68
N ARG A 122 23.88 -0.42 13.51
CA ARG A 122 22.90 0.30 14.32
C ARG A 122 22.91 -0.17 15.77
N LYS A 123 23.46 -1.37 16.00
CA LYS A 123 23.52 -1.95 17.34
C LYS A 123 24.52 -1.25 18.27
N ASN A 124 25.37 -0.38 17.72
CA ASN A 124 26.38 0.30 18.53
C ASN A 124 25.88 1.62 19.12
N TYR A 125 24.88 1.50 19.99
CA TYR A 125 24.24 2.65 20.64
C TYR A 125 25.11 3.69 21.32
N GLU A 126 25.96 3.29 22.26
CA GLU A 126 26.81 4.24 22.95
C GLU A 126 27.79 4.96 22.02
N ALA A 127 28.34 4.23 21.06
CA ALA A 127 29.28 4.83 20.11
C ALA A 127 28.54 5.82 19.24
N ILE A 128 27.32 5.48 18.87
CA ILE A 128 26.51 6.36 18.04
C ILE A 128 26.17 7.61 18.83
N ALA A 129 25.77 7.42 20.08
CA ALA A 129 25.43 8.56 20.95
C ALA A 129 26.65 9.49 21.03
N ALA A 130 27.81 8.93 21.31
CA ALA A 130 29.04 9.72 21.40
C ALA A 130 29.36 10.39 20.06
N ASP A 131 29.10 9.69 18.97
CA ASP A 131 29.39 10.24 17.66
C ASP A 131 28.52 11.47 17.36
N MET A 132 27.34 11.53 17.98
CA MET A 132 26.43 12.66 17.76
C MET A 132 27.08 13.96 18.20
N LEU A 133 28.04 13.86 19.10
CA LEU A 133 28.73 15.04 19.60
C LEU A 133 29.65 15.61 18.52
N LYS A 134 29.83 14.86 17.44
CA LYS A 134 30.67 15.33 16.34
C LYS A 134 29.82 16.01 15.28
N SER A 135 28.54 15.65 15.23
CA SER A 135 27.62 16.22 14.24
C SER A 135 27.40 17.71 14.49
N ASP A 136 27.52 18.12 15.75
CA ASP A 136 27.33 19.52 16.13
C ASP A 136 25.88 19.95 15.82
N ALA A 137 24.97 18.98 15.88
CA ALA A 137 23.56 19.25 15.62
C ALA A 137 23.08 20.28 16.65
N ASP A 138 22.25 21.21 16.21
CA ASP A 138 21.74 22.24 17.10
C ASP A 138 20.64 21.76 18.04
N VAL A 139 19.82 20.83 17.56
CA VAL A 139 18.72 20.27 18.32
C VAL A 139 18.68 18.75 18.27
N ILE A 140 18.67 18.14 19.46
CA ILE A 140 18.60 16.68 19.60
C ILE A 140 17.56 16.43 20.67
N LEU A 141 16.36 16.03 20.25
CA LEU A 141 15.26 15.79 21.19
C LEU A 141 14.60 14.42 21.02
N GLY A 142 14.33 13.78 22.15
CA GLY A 142 13.68 12.47 22.12
C GLY A 142 14.00 11.69 23.39
N GLY A 143 14.05 10.36 23.27
CA GLY A 143 14.36 9.53 24.42
C GLY A 143 15.81 9.07 24.39
N GLY A 144 16.13 8.06 25.20
CA GLY A 144 17.48 7.53 25.22
C GLY A 144 18.42 7.97 26.33
N ARG A 145 17.91 8.22 27.54
CA ARG A 145 18.75 8.63 28.66
C ARG A 145 19.76 7.52 28.96
N LYS A 146 19.31 6.28 28.82
CA LYS A 146 20.12 5.10 29.08
C LYS A 146 21.46 5.08 28.32
N TYR A 147 21.48 5.67 27.14
CA TYR A 147 22.68 5.66 26.31
C TYR A 147 23.69 6.79 26.49
N PHE A 148 23.36 7.77 27.32
CA PHE A 148 24.26 8.90 27.55
C PHE A 148 24.74 8.96 29.00
N SER A 149 26.00 8.59 29.22
CA SER A 149 26.58 8.59 30.56
C SER A 149 26.79 10.01 31.08
N GLU A 150 26.95 10.15 32.38
CA GLU A 150 27.18 11.45 32.99
C GLU A 150 28.35 12.13 32.29
N ALA A 151 29.39 11.36 31.98
CA ALA A 151 30.57 11.89 31.32
C ALA A 151 30.31 12.32 29.87
N LEU A 152 29.44 11.59 29.18
CA LEU A 152 29.12 11.95 27.81
C LEU A 152 28.34 13.26 27.84
N VAL A 153 27.34 13.33 28.71
CA VAL A 153 26.54 14.52 28.86
C VAL A 153 27.46 15.71 29.17
N SER A 154 28.50 15.46 29.96
CA SER A 154 29.44 16.52 30.30
C SER A 154 30.15 17.03 29.05
N GLN A 155 30.50 16.12 28.15
CA GLN A 155 31.17 16.51 26.93
C GLN A 155 30.21 17.35 26.09
N PHE A 156 28.93 16.99 26.12
CA PHE A 156 27.91 17.73 25.40
C PHE A 156 27.74 19.12 26.02
N SER A 157 27.82 19.19 27.34
CA SER A 157 27.69 20.47 28.03
C SER A 157 28.87 21.38 27.67
N ALA A 158 30.05 20.79 27.53
CA ALA A 158 31.24 21.54 27.21
C ALA A 158 31.16 22.16 25.82
N LYS A 159 30.56 21.43 24.88
CA LYS A 159 30.44 21.94 23.53
C LYS A 159 29.29 22.93 23.37
N GLY A 160 28.67 23.30 24.48
CA GLY A 160 27.59 24.27 24.42
C GLY A 160 26.17 23.74 24.42
N TYR A 161 25.98 22.46 24.73
CA TYR A 161 24.62 21.90 24.74
C TYR A 161 23.94 22.07 26.09
N GLN A 162 22.64 22.29 26.06
CA GLN A 162 21.87 22.42 27.28
C GLN A 162 21.16 21.09 27.45
N HIS A 163 21.41 20.43 28.57
CA HIS A 163 20.83 19.12 28.86
C HIS A 163 19.53 19.25 29.64
N ILE A 164 18.49 18.60 29.13
CA ILE A 164 17.19 18.59 29.79
C ILE A 164 16.58 17.20 29.71
N THR A 165 15.74 16.86 30.68
CA THR A 165 15.13 15.54 30.71
C THR A 165 13.62 15.57 30.90
N GLU A 166 13.06 16.75 31.13
CA GLU A 166 11.62 16.88 31.32
C GLU A 166 11.00 17.87 30.33
N LEU A 167 9.85 17.51 29.79
CA LEU A 167 9.15 18.37 28.83
C LEU A 167 8.89 19.74 29.44
N ALA A 168 8.75 19.78 30.75
CA ALA A 168 8.50 21.03 31.45
C ALA A 168 9.65 22.03 31.25
N GLN A 169 10.82 21.53 30.89
CA GLN A 169 12.00 22.37 30.68
C GLN A 169 12.11 22.97 29.28
N LEU A 170 11.30 22.49 28.35
CA LEU A 170 11.33 22.99 26.98
C LEU A 170 11.15 24.50 26.90
N ASP A 171 10.14 24.99 27.59
CA ASP A 171 9.82 26.41 27.59
C ASP A 171 11.02 27.31 27.85
N SER A 172 11.94 26.87 28.70
CA SER A 172 13.11 27.66 29.01
C SER A 172 14.24 27.56 27.98
N ILE A 173 14.08 26.67 27.00
CA ILE A 173 15.11 26.52 25.97
C ILE A 173 14.78 27.44 24.82
N THR A 174 15.59 28.49 24.66
CA THR A 174 15.36 29.46 23.60
C THR A 174 16.58 29.73 22.75
N GLN A 175 17.64 28.96 22.99
CA GLN A 175 18.87 29.13 22.23
C GLN A 175 19.43 27.78 21.78
N PRO A 176 20.03 27.75 20.58
CA PRO A 176 20.63 26.57 19.96
C PRO A 176 21.57 25.76 20.86
N LYS A 177 21.62 24.47 20.54
CA LYS A 177 22.42 23.48 21.24
C LYS A 177 21.67 22.96 22.45
N VAL A 178 20.78 22.01 22.19
CA VAL A 178 20.01 21.41 23.26
C VAL A 178 19.97 19.89 23.08
N LEU A 179 20.18 19.18 24.18
CA LEU A 179 20.13 17.74 24.18
C LEU A 179 19.00 17.39 25.16
N GLY A 180 17.85 17.00 24.61
CA GLY A 180 16.72 16.64 25.44
C GLY A 180 16.47 15.14 25.40
N LEU A 181 16.63 14.49 26.54
CA LEU A 181 16.41 13.04 26.66
C LEU A 181 15.24 12.88 27.64
N PHE A 182 14.03 12.77 27.10
CA PHE A 182 12.82 12.70 27.92
C PHE A 182 12.33 11.33 28.39
N ALA A 183 13.14 10.29 28.21
CA ALA A 183 12.77 8.95 28.63
C ALA A 183 14.00 8.05 28.67
N GLU A 184 13.96 7.01 29.49
CA GLU A 184 15.09 6.08 29.60
C GLU A 184 15.42 5.54 28.21
N VAL A 185 14.39 5.06 27.51
CA VAL A 185 14.56 4.55 26.17
C VAL A 185 13.60 5.33 25.26
N GLN A 186 12.48 4.74 24.85
CA GLN A 186 11.54 5.45 23.99
C GLN A 186 10.50 6.21 24.82
N LEU A 187 9.91 7.25 24.23
CA LEU A 187 8.89 8.04 24.91
C LEU A 187 7.64 7.20 25.10
N PRO A 188 6.73 7.63 25.99
CA PRO A 188 5.50 6.89 26.25
C PRO A 188 4.55 6.78 25.07
N TRP A 189 3.80 5.67 25.03
CA TRP A 189 2.84 5.46 23.95
C TRP A 189 1.81 6.57 24.06
N VAL A 190 1.36 7.09 22.93
CA VAL A 190 0.37 8.15 22.93
C VAL A 190 -0.93 7.70 23.60
N ILE A 191 -1.34 6.48 23.31
CA ILE A 191 -2.60 5.96 23.87
C ILE A 191 -2.59 5.87 25.40
N ASP A 192 -1.40 5.87 26.01
CA ASP A 192 -1.30 5.78 27.47
C ASP A 192 -0.84 7.09 28.11
N ASP A 193 -0.61 8.11 27.29
CA ASP A 193 -0.15 9.41 27.80
C ASP A 193 -1.31 10.37 28.03
N THR A 194 -1.01 11.55 28.56
CA THR A 194 -2.03 12.57 28.83
C THR A 194 -2.66 13.15 27.56
N ASP A 195 -1.92 13.13 26.45
CA ASP A 195 -2.41 13.63 25.18
C ASP A 195 -1.47 13.22 24.04
N ALA A 196 -1.81 13.59 22.81
CA ALA A 196 -0.98 13.21 21.67
C ALA A 196 -0.14 14.36 21.13
N ASN A 197 0.29 15.26 21.99
CA ASN A 197 1.07 16.41 21.53
C ASN A 197 2.57 16.45 21.86
N THR A 198 3.10 15.38 22.44
CA THR A 198 4.52 15.37 22.80
C THR A 198 5.44 15.58 21.59
N LEU A 199 5.24 14.81 20.52
CA LEU A 199 6.08 14.97 19.35
C LEU A 199 5.88 16.35 18.73
N SER A 200 4.66 16.89 18.83
CA SER A 200 4.37 18.21 18.28
C SER A 200 5.14 19.29 19.05
N LYS A 201 5.29 19.09 20.35
CA LYS A 201 6.02 20.06 21.17
C LYS A 201 7.50 20.05 20.82
N LEU A 202 8.06 18.87 20.58
CA LEU A 202 9.48 18.77 20.23
C LEU A 202 9.67 19.39 18.86
N THR A 203 8.66 19.25 18.00
CA THR A 203 8.69 19.78 16.66
C THR A 203 8.65 21.31 16.70
N GLN A 204 7.64 21.85 17.37
CA GLN A 204 7.48 23.30 17.47
C GLN A 204 8.73 23.94 18.08
N LYS A 205 9.33 23.28 19.07
CA LYS A 205 10.53 23.82 19.70
C LYS A 205 11.70 23.80 18.74
N SER A 206 11.77 22.75 17.93
CA SER A 206 12.86 22.63 16.95
C SER A 206 12.79 23.77 15.95
N LEU A 207 11.59 24.01 15.44
CA LEU A 207 11.36 25.08 14.47
C LEU A 207 11.67 26.44 15.07
N ASP A 208 11.32 26.64 16.33
CA ASP A 208 11.56 27.91 17.00
C ASP A 208 13.05 28.24 17.02
N LEU A 209 13.86 27.23 17.29
CA LEU A 209 15.31 27.45 17.35
C LEU A 209 15.93 27.52 15.96
N LEU A 210 15.72 26.47 15.17
CA LEU A 210 16.27 26.37 13.83
C LEU A 210 15.96 27.58 12.95
N SER A 211 14.72 28.06 12.96
CA SER A 211 14.33 29.18 12.12
C SER A 211 15.03 30.51 12.42
N GLN A 212 15.78 30.58 13.52
CA GLN A 212 16.49 31.81 13.86
C GLN A 212 17.76 31.97 13.02
N ASN A 213 18.08 30.95 12.22
CA ASN A 213 19.26 30.99 11.36
C ASN A 213 18.80 31.46 9.98
N GLU A 214 19.21 32.66 9.57
CA GLU A 214 18.79 33.19 8.28
C GLU A 214 19.25 32.29 7.14
N LYS A 215 20.35 31.57 7.37
CA LYS A 215 20.88 30.67 6.35
C LYS A 215 20.01 29.43 6.13
N GLY A 216 19.10 29.15 7.05
CA GLY A 216 18.24 27.99 6.90
C GLY A 216 18.54 26.84 7.84
N PHE A 217 17.89 25.70 7.60
CA PHE A 217 18.07 24.53 8.44
C PHE A 217 17.47 23.27 7.84
N VAL A 218 17.86 22.13 8.39
CA VAL A 218 17.31 20.85 7.97
C VAL A 218 16.91 20.14 9.25
N LEU A 219 15.62 19.93 9.42
CA LEU A 219 15.09 19.26 10.61
C LEU A 219 14.48 17.91 10.28
N LEU A 220 14.83 16.92 11.09
CA LEU A 220 14.30 15.58 10.93
C LEU A 220 13.32 15.32 12.07
N VAL A 221 12.10 14.92 11.73
CA VAL A 221 11.09 14.62 12.73
C VAL A 221 10.61 13.19 12.49
N GLU A 222 10.75 12.32 13.48
CA GLU A 222 10.32 10.94 13.33
C GLU A 222 9.23 10.44 14.29
N GLY A 223 8.19 9.87 13.70
CA GLY A 223 7.11 9.28 14.48
C GLY A 223 7.63 7.85 14.57
N SER A 224 8.56 7.64 15.49
CA SER A 224 9.22 6.36 15.70
C SER A 224 8.40 5.19 16.20
N LEU A 225 7.40 5.46 17.03
CA LEU A 225 6.62 4.38 17.62
C LEU A 225 5.50 3.76 16.78
N ILE A 226 5.28 4.29 15.58
CA ILE A 226 4.26 3.73 14.71
C ILE A 226 4.81 2.34 14.39
N ASP A 227 6.10 2.32 14.07
CA ASP A 227 6.81 1.10 13.74
C ASP A 227 6.82 0.08 14.88
N TRP A 228 7.12 0.53 16.09
CA TRP A 228 7.13 -0.36 17.26
C TRP A 228 5.76 -1.00 17.43
N ALA A 229 4.72 -0.19 17.30
CA ALA A 229 3.36 -0.69 17.44
C ALA A 229 3.09 -1.74 16.36
N GLY A 230 3.56 -1.46 15.14
CA GLY A 230 3.38 -2.39 14.04
C GLY A 230 4.01 -3.74 14.32
N HIS A 231 5.22 -3.73 14.88
CA HIS A 231 5.94 -4.96 15.22
C HIS A 231 5.14 -5.73 16.26
N ASN A 232 4.47 -5.01 17.15
CA ASN A 232 3.66 -5.61 18.20
C ASN A 232 2.27 -5.96 17.66
N ASN A 233 2.02 -5.64 16.39
CA ASN A 233 0.72 -5.89 15.77
C ASN A 233 -0.34 -5.28 16.68
N ASP A 234 -0.04 -4.07 17.15
CA ASP A 234 -0.93 -3.35 18.07
C ASP A 234 -1.63 -2.21 17.32
N ILE A 235 -2.81 -2.50 16.78
CA ILE A 235 -3.53 -1.48 16.00
C ILE A 235 -3.98 -0.26 16.80
N ALA A 236 -4.56 -0.47 17.97
CA ALA A 236 -5.02 0.65 18.81
C ALA A 236 -3.88 1.58 19.18
N THR A 237 -2.72 1.00 19.48
CA THR A 237 -1.57 1.82 19.84
C THR A 237 -0.99 2.44 18.58
N ALA A 238 -1.10 1.73 17.46
CA ALA A 238 -0.57 2.26 16.20
C ALA A 238 -1.33 3.50 15.76
N MET A 239 -2.66 3.45 15.81
CA MET A 239 -3.47 4.60 15.41
C MET A 239 -3.17 5.82 16.29
N ALA A 240 -2.93 5.56 17.57
CA ALA A 240 -2.62 6.66 18.49
C ALA A 240 -1.31 7.33 18.08
N GLU A 241 -0.31 6.52 17.71
CA GLU A 241 0.98 7.07 17.29
C GLU A 241 0.80 7.82 15.97
N MET A 242 -0.16 7.36 15.16
CA MET A 242 -0.43 8.02 13.89
C MET A 242 -0.97 9.42 14.17
N GLN A 243 -1.79 9.57 15.20
CA GLN A 243 -2.35 10.89 15.53
C GLN A 243 -1.26 11.83 16.01
N GLY A 244 -0.31 11.26 16.77
CA GLY A 244 0.80 12.05 17.27
C GLY A 244 1.65 12.53 16.12
N PHE A 245 1.82 11.68 15.12
CA PHE A 245 2.62 12.02 13.94
C PHE A 245 1.87 13.06 13.09
N ALA A 246 0.56 12.86 12.93
CA ALA A 246 -0.26 13.79 12.15
C ALA A 246 -0.29 15.17 12.81
N ASN A 247 -0.35 15.21 14.14
CA ASN A 247 -0.36 16.49 14.87
C ASN A 247 0.94 17.24 14.58
N ALA A 248 2.05 16.52 14.55
CA ALA A 248 3.34 17.14 14.28
C ALA A 248 3.38 17.68 12.86
N ILE A 249 2.84 16.92 11.91
CA ILE A 249 2.81 17.37 10.52
C ILE A 249 2.04 18.70 10.46
N GLU A 250 0.98 18.78 11.26
CA GLU A 250 0.16 19.98 11.32
C GLU A 250 1.00 21.13 11.87
N VAL A 251 1.85 20.84 12.85
CA VAL A 251 2.70 21.88 13.41
C VAL A 251 3.52 22.52 12.30
N VAL A 252 4.13 21.67 11.48
CA VAL A 252 4.96 22.14 10.37
C VAL A 252 4.17 22.88 9.30
N GLU A 253 2.95 22.42 9.01
CA GLU A 253 2.12 23.08 8.02
C GLU A 253 1.90 24.53 8.43
N GLN A 254 1.55 24.72 9.70
CA GLN A 254 1.30 26.06 10.22
C GLN A 254 2.56 26.90 10.04
N TYR A 255 3.71 26.34 10.42
CA TYR A 255 4.99 27.03 10.27
C TYR A 255 5.16 27.52 8.83
N ILE A 256 4.91 26.64 7.87
CA ILE A 256 5.08 26.99 6.46
C ILE A 256 4.17 28.13 6.05
N ARG A 257 2.94 28.14 6.57
CA ARG A 257 2.02 29.22 6.26
C ARG A 257 2.65 30.54 6.72
N GLN A 258 3.44 30.48 7.78
CA GLN A 258 4.10 31.67 8.32
C GLN A 258 5.52 31.88 7.78
N HIS A 259 6.11 30.84 7.20
CA HIS A 259 7.47 30.90 6.64
C HIS A 259 7.41 30.26 5.27
N PRO A 260 6.94 31.01 4.28
CA PRO A 260 6.79 30.54 2.89
C PRO A 260 8.01 29.90 2.22
N ASP A 261 9.22 30.28 2.62
CA ASP A 261 10.42 29.71 2.00
C ASP A 261 10.86 28.46 2.76
N THR A 262 10.07 27.40 2.63
CA THR A 262 10.32 26.14 3.32
C THR A 262 9.86 24.94 2.50
N LEU A 263 10.48 23.79 2.73
CA LEU A 263 10.08 22.57 2.05
C LEU A 263 9.80 21.50 3.10
N LEU A 264 8.60 20.93 3.03
CA LEU A 264 8.24 19.87 3.95
C LEU A 264 8.12 18.59 3.14
N VAL A 265 8.74 17.53 3.64
CA VAL A 265 8.69 16.22 2.99
C VAL A 265 8.36 15.19 4.06
N VAL A 266 7.32 14.41 3.82
CA VAL A 266 6.92 13.37 4.74
C VAL A 266 6.91 12.05 3.98
N THR A 267 7.46 11.02 4.59
CA THR A 267 7.46 9.71 3.97
C THR A 267 7.62 8.65 5.04
N ALA A 268 7.67 7.40 4.61
CA ALA A 268 7.84 6.29 5.53
C ALA A 268 9.17 5.66 5.14
N ASP A 269 9.83 5.02 6.09
CA ASP A 269 11.10 4.38 5.79
C ASP A 269 10.81 2.99 5.21
N HIS A 270 9.65 2.45 5.56
CA HIS A 270 9.23 1.13 5.10
C HIS A 270 7.89 0.80 5.74
N ASN A 271 7.32 -0.33 5.36
CA ASN A 271 6.06 -0.78 5.93
C ASN A 271 6.42 -1.77 7.03
N THR A 272 5.54 -1.88 8.02
CA THR A 272 5.76 -2.80 9.13
C THR A 272 4.51 -3.59 9.47
N GLY A 273 4.68 -4.87 9.75
CA GLY A 273 3.57 -5.72 10.16
C GLY A 273 2.61 -6.31 9.15
N GLY A 274 2.53 -5.73 7.94
CA GLY A 274 1.59 -6.26 6.98
C GLY A 274 0.15 -5.91 7.36
N LEU A 275 -0.04 -4.79 8.04
CA LEU A 275 -1.35 -4.32 8.45
C LEU A 275 -2.36 -4.31 7.31
N SER A 276 -3.60 -4.70 7.58
CA SER A 276 -4.64 -4.68 6.56
C SER A 276 -5.97 -4.20 7.14
N ILE A 277 -6.66 -3.35 6.39
CA ILE A 277 -7.96 -2.79 6.78
C ILE A 277 -9.01 -3.78 6.30
N GLY A 278 -9.37 -4.71 7.18
CA GLY A 278 -10.33 -5.75 6.84
C GLY A 278 -9.53 -7.01 6.98
N ALA A 279 -10.16 -8.12 7.37
CA ALA A 279 -9.44 -9.37 7.54
C ALA A 279 -10.34 -10.57 7.72
N ASN A 280 -9.77 -11.76 7.52
CA ASN A 280 -10.48 -13.03 7.68
C ASN A 280 -11.80 -13.14 6.91
N GLY A 281 -11.77 -12.79 5.63
CA GLY A 281 -12.98 -12.87 4.82
C GLY A 281 -13.99 -11.79 5.12
N GLU A 282 -13.70 -10.93 6.09
CA GLU A 282 -14.62 -9.85 6.43
C GLU A 282 -14.36 -8.60 5.62
N TYR A 283 -15.41 -8.12 4.96
CA TYR A 283 -15.32 -6.92 4.14
C TYR A 283 -15.70 -5.71 4.95
N GLN A 284 -14.98 -5.47 6.03
CA GLN A 284 -15.26 -4.33 6.87
C GLN A 284 -14.16 -4.10 7.90
N TRP A 285 -14.13 -2.89 8.43
CA TRP A 285 -13.16 -2.54 9.45
C TRP A 285 -13.98 -1.80 10.51
N ASP A 286 -14.13 -2.44 11.66
CA ASP A 286 -14.92 -1.91 12.75
C ASP A 286 -14.16 -0.85 13.54
N THR A 287 -14.23 0.40 13.09
CA THR A 287 -13.53 1.49 13.76
C THR A 287 -14.23 1.94 15.04
N LYS A 288 -15.53 1.69 15.13
CA LYS A 288 -16.29 2.06 16.32
C LYS A 288 -15.67 1.39 17.55
N LEU A 289 -15.33 0.12 17.41
CA LEU A 289 -14.72 -0.64 18.49
C LEU A 289 -13.32 -0.14 18.89
N PRO A 290 -12.42 0.09 17.92
CA PRO A 290 -11.07 0.57 18.21
C PRO A 290 -11.08 1.87 18.98
N LYS A 291 -11.90 2.82 18.52
CA LYS A 291 -12.00 4.12 19.17
C LYS A 291 -12.34 3.96 20.64
N GLY A 292 -13.05 2.88 20.97
CA GLY A 292 -13.44 2.63 22.35
C GLY A 292 -12.33 2.06 23.21
N ILE A 293 -11.21 1.68 22.59
CA ILE A 293 -10.07 1.15 23.34
C ILE A 293 -9.32 2.36 23.88
N SER A 294 -9.23 2.48 25.20
CA SER A 294 -8.58 3.65 25.79
C SER A 294 -7.19 3.38 26.36
N ALA A 295 -6.64 2.20 26.11
CA ALA A 295 -5.31 1.89 26.62
C ALA A 295 -4.62 0.88 25.73
N SER A 296 -3.31 0.74 25.87
CA SER A 296 -2.57 -0.22 25.08
C SER A 296 -2.75 -1.61 25.67
N PRO A 297 -2.72 -2.65 24.83
CA PRO A 297 -2.88 -4.02 25.33
C PRO A 297 -1.89 -4.30 26.46
N ALA A 298 -0.73 -3.65 26.39
CA ALA A 298 0.32 -3.81 27.41
C ALA A 298 -0.19 -3.21 28.71
N SER A 299 -0.71 -1.99 28.63
CA SER A 299 -1.25 -1.32 29.82
C SER A 299 -2.38 -2.15 30.40
N ILE A 300 -3.26 -2.64 29.53
CA ILE A 300 -4.40 -3.44 29.97
C ILE A 300 -3.96 -4.76 30.61
N ALA A 301 -2.90 -5.36 30.08
CA ALA A 301 -2.40 -6.63 30.61
C ALA A 301 -1.71 -6.41 31.95
N THR A 302 -0.91 -5.34 32.05
CA THR A 302 -0.23 -5.05 33.29
C THR A 302 -1.26 -4.90 34.39
N HIS A 303 -2.25 -4.03 34.18
CA HIS A 303 -3.29 -3.81 35.17
C HIS A 303 -4.04 -5.10 35.52
N ALA A 304 -4.45 -5.86 34.51
CA ALA A 304 -5.17 -7.10 34.73
C ALA A 304 -4.40 -8.09 35.60
N ILE A 305 -3.08 -8.08 35.46
CA ILE A 305 -2.23 -8.97 36.24
C ILE A 305 -2.02 -8.47 37.67
N ALA A 306 -2.12 -7.16 37.86
CA ALA A 306 -1.93 -6.57 39.17
C ALA A 306 -3.20 -6.57 40.04
N ALA A 307 -4.35 -6.77 39.41
CA ALA A 307 -5.61 -6.77 40.14
C ALA A 307 -6.20 -8.16 40.34
N ASP A 308 -6.68 -8.43 41.55
CA ASP A 308 -7.28 -9.71 41.87
C ASP A 308 -8.54 -9.82 41.02
N ASP A 309 -9.39 -8.79 41.11
CA ASP A 309 -10.61 -8.75 40.32
C ASP A 309 -10.24 -7.84 39.15
N TRP A 310 -9.94 -8.45 38.02
CA TRP A 310 -9.50 -7.71 36.84
C TRP A 310 -10.44 -7.66 35.65
N GLN A 311 -11.36 -8.62 35.55
CA GLN A 311 -12.29 -8.66 34.42
C GLN A 311 -12.98 -7.34 34.08
N ALA A 312 -13.63 -6.73 35.06
CA ALA A 312 -14.32 -5.46 34.83
C ALA A 312 -13.34 -4.41 34.30
N GLY A 313 -12.11 -4.45 34.79
CA GLY A 313 -11.10 -3.50 34.35
C GLY A 313 -10.78 -3.65 32.88
N VAL A 314 -10.67 -4.89 32.42
CA VAL A 314 -10.35 -5.16 31.03
C VAL A 314 -11.46 -4.67 30.09
N ASN A 315 -12.72 -4.92 30.44
CA ASN A 315 -13.81 -4.49 29.59
C ASN A 315 -13.87 -2.97 29.54
N GLN A 316 -13.57 -2.34 30.66
CA GLN A 316 -13.60 -0.89 30.74
C GLN A 316 -12.56 -0.25 29.80
N GLN A 317 -11.40 -0.90 29.69
CA GLN A 317 -10.34 -0.37 28.85
C GLN A 317 -10.46 -0.76 27.38
N LEU A 318 -11.15 -1.86 27.11
CA LEU A 318 -11.35 -2.32 25.74
C LEU A 318 -12.52 -1.56 25.11
N GLY A 319 -13.40 -1.05 25.95
CA GLY A 319 -14.54 -0.32 25.45
C GLY A 319 -15.71 -1.23 25.16
N PHE A 320 -15.57 -2.51 25.48
CA PHE A 320 -16.62 -3.48 25.25
C PHE A 320 -16.48 -4.66 26.20
N ASP A 321 -17.56 -5.40 26.39
CA ASP A 321 -17.52 -6.55 27.28
C ASP A 321 -17.15 -7.82 26.53
N VAL A 322 -16.15 -8.51 27.04
CA VAL A 322 -15.67 -9.74 26.44
C VAL A 322 -16.69 -10.85 26.68
N ASN A 323 -16.79 -11.79 25.73
CA ASN A 323 -17.73 -12.89 25.89
C ASN A 323 -17.07 -14.02 26.67
N SER A 324 -17.84 -15.09 26.92
CA SER A 324 -17.35 -16.25 27.67
C SER A 324 -16.12 -16.91 27.06
N THR A 325 -16.13 -17.06 25.75
CA THR A 325 -15.01 -17.68 25.03
C THR A 325 -13.74 -16.84 25.16
N GLU A 326 -13.87 -15.55 24.90
CA GLU A 326 -12.74 -14.63 24.97
C GLU A 326 -12.31 -14.44 26.43
N LEU A 327 -13.26 -14.54 27.35
CA LEU A 327 -12.97 -14.40 28.77
C LEU A 327 -12.06 -15.53 29.24
N GLN A 328 -12.34 -16.74 28.78
CA GLN A 328 -11.53 -17.90 29.17
C GLN A 328 -10.13 -17.78 28.56
N GLN A 329 -10.06 -17.17 27.39
CA GLN A 329 -8.77 -17.01 26.71
C GLN A 329 -7.91 -15.99 27.46
N LEU A 330 -8.55 -14.97 28.03
CA LEU A 330 -7.80 -13.97 28.78
C LEU A 330 -7.40 -14.60 30.11
N THR A 331 -8.29 -15.44 30.64
CA THR A 331 -8.06 -16.13 31.90
C THR A 331 -6.81 -17.01 31.82
N ASN A 332 -6.77 -17.90 30.83
CA ASN A 332 -5.60 -18.78 30.68
C ASN A 332 -4.33 -17.97 30.43
N ALA A 333 -4.40 -17.02 29.49
CA ALA A 333 -3.26 -16.18 29.15
C ALA A 333 -2.68 -15.47 30.37
N ARG A 334 -3.56 -14.94 31.22
CA ARG A 334 -3.13 -14.22 32.42
C ARG A 334 -2.27 -15.09 33.32
N MET A 335 -2.64 -16.37 33.44
CA MET A 335 -1.88 -17.31 34.27
C MET A 335 -0.50 -17.52 33.67
N GLN A 336 -0.37 -17.31 32.37
CA GLN A 336 0.90 -17.52 31.69
C GLN A 336 1.83 -16.31 31.63
N GLY A 337 1.33 -15.15 32.07
CA GLY A 337 2.18 -13.97 32.06
C GLY A 337 1.68 -12.79 31.23
N LYS A 338 2.34 -11.65 31.42
CA LYS A 338 2.02 -10.41 30.74
C LYS A 338 2.08 -10.52 29.22
N SER A 339 3.18 -11.08 28.71
CA SER A 339 3.34 -11.23 27.27
C SER A 339 2.20 -12.02 26.63
N THR A 340 1.94 -13.22 27.14
CA THR A 340 0.88 -14.05 26.59
C THR A 340 -0.47 -13.39 26.73
N LEU A 341 -0.63 -12.56 27.76
CA LEU A 341 -1.91 -11.89 27.97
C LEU A 341 -2.11 -10.81 26.90
N GLU A 342 -1.06 -10.06 26.61
CA GLU A 342 -1.12 -9.00 25.60
C GLU A 342 -1.51 -9.60 24.26
N VAL A 343 -0.88 -10.72 23.92
CA VAL A 343 -1.18 -11.39 22.66
C VAL A 343 -2.65 -11.79 22.64
N ALA A 344 -3.14 -12.33 23.75
CA ALA A 344 -4.54 -12.73 23.84
C ALA A 344 -5.45 -11.54 23.62
N LEU A 345 -5.09 -10.41 24.21
CA LEU A 345 -5.87 -9.18 24.07
C LEU A 345 -5.88 -8.68 22.64
N LYS A 346 -4.72 -8.68 22.01
CA LYS A 346 -4.60 -8.20 20.63
C LYS A 346 -5.35 -9.11 19.66
N LYS A 347 -5.42 -10.40 19.98
CA LYS A 347 -6.13 -11.33 19.12
C LYS A 347 -7.61 -11.00 19.13
N ILE A 348 -8.13 -10.70 20.32
CA ILE A 348 -9.54 -10.36 20.45
C ILE A 348 -9.81 -9.04 19.72
N ILE A 349 -8.98 -8.04 19.98
CA ILE A 349 -9.13 -6.74 19.33
C ILE A 349 -9.12 -6.88 17.82
N ASP A 350 -8.13 -7.61 17.29
CA ASP A 350 -8.01 -7.81 15.85
C ASP A 350 -9.17 -8.60 15.24
N THR A 351 -9.65 -9.60 15.96
CA THR A 351 -10.76 -10.41 15.45
C THR A 351 -12.04 -9.60 15.46
N ARG A 352 -12.22 -8.82 16.52
CA ARG A 352 -13.40 -7.97 16.68
C ARG A 352 -13.44 -6.84 15.67
N SER A 353 -12.29 -6.24 15.41
CA SER A 353 -12.20 -5.10 14.49
C SER A 353 -11.90 -5.45 13.04
N TYR A 354 -11.55 -6.71 12.78
CA TYR A 354 -11.22 -7.16 11.43
C TYR A 354 -9.93 -6.50 10.96
N THR A 355 -8.94 -6.45 11.86
CA THR A 355 -7.64 -5.89 11.54
C THR A 355 -6.69 -7.05 11.29
N GLY A 356 -6.00 -7.03 10.17
CA GLY A 356 -5.07 -8.09 9.85
C GLY A 356 -3.60 -7.70 9.92
N TRP A 357 -2.75 -8.71 9.99
CA TRP A 357 -1.30 -8.53 10.03
C TRP A 357 -0.72 -9.78 9.40
N THR A 358 0.49 -9.69 8.87
CA THR A 358 1.12 -10.83 8.23
C THR A 358 2.48 -11.15 8.85
N THR A 359 2.99 -10.24 9.68
CA THR A 359 4.30 -10.46 10.26
C THR A 359 4.58 -9.52 11.41
N SER A 360 5.58 -9.89 12.23
CA SER A 360 5.98 -9.05 13.34
C SER A 360 7.19 -8.24 12.86
N GLY A 361 7.55 -8.42 11.59
CA GLY A 361 8.69 -7.71 11.02
C GLY A 361 8.30 -6.64 10.00
N HIS A 362 9.09 -6.53 8.94
CA HIS A 362 8.80 -5.55 7.89
C HIS A 362 8.31 -6.23 6.61
N THR A 363 7.78 -5.42 5.70
CA THR A 363 7.30 -5.92 4.41
C THR A 363 7.82 -4.94 3.36
N GLY A 364 7.87 -5.37 2.10
CA GLY A 364 8.41 -4.53 1.05
C GLY A 364 7.56 -3.58 0.23
N VAL A 365 6.28 -3.44 0.52
CA VAL A 365 5.43 -2.55 -0.26
C VAL A 365 5.98 -1.12 -0.33
N ASP A 366 5.78 -0.45 -1.47
CA ASP A 366 6.23 0.92 -1.62
C ASP A 366 5.47 1.78 -0.61
N VAL A 367 6.09 2.86 -0.14
CA VAL A 367 5.41 3.73 0.80
C VAL A 367 5.09 5.06 0.11
N GLN A 368 4.26 5.88 0.77
CA GLN A 368 3.88 7.16 0.19
C GLN A 368 4.88 8.29 0.45
N VAL A 369 4.85 9.29 -0.42
CA VAL A 369 5.71 10.45 -0.29
C VAL A 369 4.78 11.66 -0.28
N PHE A 370 4.89 12.48 0.77
CA PHE A 370 4.07 13.67 0.89
C PHE A 370 4.98 14.89 0.95
N ALA A 371 4.48 16.03 0.49
CA ALA A 371 5.29 17.24 0.51
C ALA A 371 4.45 18.51 0.45
N MET A 372 5.00 19.60 0.96
CA MET A 372 4.35 20.89 0.96
C MET A 372 5.42 21.96 0.80
N GLY A 373 5.11 23.01 0.03
CA GLY A 373 6.06 24.08 -0.18
C GLY A 373 6.33 24.32 -1.67
N PRO A 374 7.08 25.37 -2.00
CA PRO A 374 7.40 25.69 -3.39
C PRO A 374 7.95 24.54 -4.22
N ALA A 375 8.86 23.76 -3.64
CA ALA A 375 9.49 22.64 -4.34
C ALA A 375 8.77 21.29 -4.18
N ALA A 376 7.51 21.32 -3.77
CA ALA A 376 6.74 20.10 -3.58
C ALA A 376 6.68 19.17 -4.79
N ASP A 377 6.52 19.73 -5.98
CA ASP A 377 6.39 18.91 -7.18
C ASP A 377 7.62 18.12 -7.61
N LEU A 378 8.76 18.37 -6.98
CA LEU A 378 9.96 17.63 -7.33
C LEU A 378 9.80 16.18 -6.89
N PHE A 379 8.90 15.95 -5.94
CA PHE A 379 8.66 14.61 -5.39
C PHE A 379 7.43 13.89 -5.92
N LYS A 380 6.97 14.26 -7.10
CA LYS A 380 5.78 13.64 -7.69
C LYS A 380 6.04 12.29 -8.34
N GLY A 381 4.99 11.47 -8.41
CA GLY A 381 5.09 10.17 -9.04
C GLY A 381 5.90 9.13 -8.28
N ASN A 382 6.42 8.16 -9.02
CA ASN A 382 7.23 7.11 -8.42
C ASN A 382 8.70 7.52 -8.40
N GLN A 383 9.42 7.07 -7.38
CA GLN A 383 10.83 7.37 -7.26
C GLN A 383 11.40 6.40 -6.25
N ASP A 384 12.71 6.24 -6.25
CA ASP A 384 13.33 5.35 -5.28
C ASP A 384 13.57 6.20 -4.04
N ASN A 385 13.61 5.57 -2.87
CA ASN A 385 13.82 6.35 -1.64
C ASN A 385 15.10 7.18 -1.65
N THR A 386 16.13 6.71 -2.36
CA THR A 386 17.39 7.46 -2.42
C THR A 386 17.21 8.78 -3.17
N HIS A 387 16.23 8.81 -4.08
CA HIS A 387 15.94 9.99 -4.88
C HIS A 387 15.40 11.14 -4.03
N ILE A 388 14.77 10.79 -2.92
CA ILE A 388 14.22 11.78 -2.01
C ILE A 388 15.36 12.59 -1.41
N ALA A 389 16.46 11.91 -1.12
CA ALA A 389 17.64 12.54 -0.54
C ALA A 389 18.28 13.49 -1.56
N GLU A 390 18.47 12.99 -2.77
CA GLU A 390 19.08 13.79 -3.83
C GLU A 390 18.30 15.08 -4.08
N LYS A 391 16.97 15.00 -4.05
CA LYS A 391 16.14 16.17 -4.30
C LYS A 391 16.23 17.20 -3.20
N MET A 392 16.12 16.76 -1.96
CA MET A 392 16.23 17.69 -0.85
C MET A 392 17.62 18.31 -0.89
N MET A 393 18.64 17.50 -1.16
CA MET A 393 20.02 18.00 -1.23
C MET A 393 20.21 19.02 -2.34
N SER A 394 19.47 18.86 -3.44
CA SER A 394 19.58 19.78 -4.56
C SER A 394 19.06 21.18 -4.23
N LEU A 395 18.32 21.31 -3.13
CA LEU A 395 17.77 22.60 -2.72
C LEU A 395 18.70 23.38 -1.79
N LEU A 396 19.74 22.72 -1.30
CA LEU A 396 20.70 23.39 -0.41
C LEU A 396 21.47 24.46 -1.18
N PRO A 397 22.01 25.46 -0.46
CA PRO A 397 22.78 26.58 -1.01
C PRO A 397 23.98 26.18 -1.88
N LYS A 398 24.24 27.00 -2.90
CA LYS A 398 25.34 26.80 -3.86
C LYS A 398 26.73 26.55 -3.26
N VAL A 399 27.47 25.64 -3.90
CA VAL A 399 28.82 25.22 -3.52
C VAL A 399 29.81 26.28 -3.04
N ASN A 400 30.00 27.34 -3.81
CA ASN A 400 30.93 28.41 -3.45
C ASN A 400 30.73 28.90 -2.01
N MET B 1 -10.74 12.41 -28.93
CA MET B 1 -9.48 11.75 -28.46
C MET B 1 -9.81 10.32 -28.06
N GLY B 2 -8.76 9.50 -27.90
CA GLY B 2 -8.97 8.13 -27.50
C GLY B 2 -8.77 8.07 -25.99
N MET B 3 -9.49 7.19 -25.33
CA MET B 3 -9.37 7.05 -23.88
C MET B 3 -9.35 5.58 -23.48
N ILE B 4 -8.45 5.21 -22.58
CA ILE B 4 -8.37 3.84 -22.10
C ILE B 4 -8.33 3.82 -20.58
N ILE B 5 -9.28 3.14 -19.97
CA ILE B 5 -9.31 3.02 -18.52
C ILE B 5 -9.01 1.55 -18.22
N MET B 6 -7.84 1.30 -17.63
CA MET B 6 -7.41 -0.05 -17.32
C MET B 6 -7.53 -0.33 -15.83
N VAL B 7 -8.22 -1.40 -15.47
CA VAL B 7 -8.41 -1.73 -14.07
C VAL B 7 -7.72 -3.03 -13.66
N GLY B 8 -6.82 -2.93 -12.69
CA GLY B 8 -6.15 -4.11 -12.17
C GLY B 8 -7.00 -4.48 -10.97
N ASP B 9 -7.98 -5.37 -11.18
CA ASP B 9 -8.89 -5.78 -10.13
C ASP B 9 -8.19 -6.39 -8.92
N GLY B 10 -8.32 -5.73 -7.77
CA GLY B 10 -7.70 -6.20 -6.54
C GLY B 10 -6.22 -5.86 -6.40
N MET B 11 -5.68 -5.13 -7.37
CA MET B 11 -4.27 -4.77 -7.41
C MET B 11 -3.81 -3.62 -6.49
N GLY B 12 -3.80 -3.85 -5.18
CA GLY B 12 -3.34 -2.83 -4.26
C GLY B 12 -1.84 -2.58 -4.40
N PRO B 13 -1.26 -1.64 -3.64
CA PRO B 13 0.16 -1.29 -3.68
C PRO B 13 1.12 -2.48 -3.56
N ALA B 14 0.74 -3.49 -2.78
CA ALA B 14 1.59 -4.66 -2.60
C ALA B 14 1.80 -5.44 -3.89
N TYR B 15 0.76 -5.54 -4.71
CA TYR B 15 0.83 -6.28 -5.98
C TYR B 15 1.82 -5.71 -6.99
N THR B 16 1.75 -4.40 -7.22
CA THR B 16 2.65 -3.74 -8.16
C THR B 16 4.07 -3.70 -7.63
N SER B 17 4.20 -3.58 -6.30
CA SER B 17 5.51 -3.56 -5.67
C SER B 17 6.10 -4.97 -5.75
N ALA B 18 5.25 -5.97 -5.53
CA ALA B 18 5.69 -7.35 -5.60
C ALA B 18 6.13 -7.66 -7.02
N TYR B 19 5.33 -7.19 -7.98
CA TYR B 19 5.63 -7.44 -9.39
C TYR B 19 7.00 -6.94 -9.80
N ARG B 20 7.41 -5.80 -9.25
CA ARG B 20 8.72 -5.24 -9.57
C ARG B 20 9.83 -6.19 -9.11
N TYR B 21 9.70 -6.65 -7.87
CA TYR B 21 10.69 -7.55 -7.31
C TYR B 21 10.65 -8.91 -7.98
N PHE B 22 9.44 -9.38 -8.28
CA PHE B 22 9.27 -10.66 -8.96
C PHE B 22 9.96 -10.63 -10.31
N GLN B 23 9.84 -9.51 -11.02
CA GLN B 23 10.43 -9.35 -12.34
C GLN B 23 11.90 -8.95 -12.32
N ASP B 24 12.40 -8.53 -11.15
CA ASP B 24 13.80 -8.12 -11.02
C ASP B 24 14.76 -9.15 -11.61
N ASN B 25 15.53 -8.72 -12.61
CA ASN B 25 16.50 -9.61 -13.25
C ASN B 25 17.62 -9.92 -12.27
N PRO B 26 17.80 -11.20 -11.91
CA PRO B 26 18.84 -11.63 -10.97
C PRO B 26 20.25 -11.23 -11.41
N ASP B 27 20.46 -11.10 -12.71
CA ASP B 27 21.77 -10.76 -13.25
C ASP B 27 22.17 -9.30 -13.05
N THR B 28 21.27 -8.37 -13.37
CA THR B 28 21.57 -6.95 -13.22
C THR B 28 21.57 -6.54 -11.75
N GLU B 29 22.54 -5.71 -11.37
CA GLU B 29 22.66 -5.25 -9.99
C GLU B 29 21.49 -4.38 -9.55
N GLU B 30 21.05 -3.49 -10.44
CA GLU B 30 19.95 -2.57 -10.14
C GLU B 30 18.60 -3.22 -10.36
N ILE B 31 17.58 -2.66 -9.71
CA ILE B 31 16.21 -3.17 -9.87
C ILE B 31 15.54 -2.29 -10.92
N GLU B 32 15.23 -2.91 -12.06
CA GLU B 32 14.61 -2.21 -13.18
C GLU B 32 13.20 -1.72 -12.89
N GLN B 33 12.85 -0.59 -13.49
CA GLN B 33 11.52 -0.01 -13.31
C GLN B 33 10.52 -0.85 -14.07
N THR B 34 9.26 -0.82 -13.63
CA THR B 34 8.21 -1.55 -14.31
C THR B 34 7.37 -0.48 -15.00
N VAL B 35 6.36 -0.89 -15.77
CA VAL B 35 5.51 0.07 -16.45
C VAL B 35 4.73 0.85 -15.40
N PHE B 36 4.48 0.23 -14.24
CA PHE B 36 3.76 0.91 -13.18
C PHE B 36 4.61 2.04 -12.62
N ASP B 37 5.88 1.75 -12.37
CA ASP B 37 6.81 2.75 -11.82
C ASP B 37 6.88 3.97 -12.73
N ARG B 38 6.94 3.74 -14.04
CA ARG B 38 7.04 4.80 -15.01
C ARG B 38 5.77 5.65 -15.13
N LEU B 39 4.61 5.06 -14.87
CA LEU B 39 3.35 5.78 -15.02
C LEU B 39 2.66 6.32 -13.78
N LEU B 40 3.08 5.89 -12.59
CA LEU B 40 2.45 6.35 -11.36
C LEU B 40 2.32 7.86 -11.28
N VAL B 41 1.12 8.33 -10.92
CA VAL B 41 0.90 9.76 -10.77
C VAL B 41 0.22 10.09 -9.44
N GLY B 42 -0.48 9.11 -8.86
CA GLY B 42 -1.14 9.35 -7.60
C GLY B 42 -1.78 8.12 -6.96
N MET B 43 -2.74 8.35 -6.08
CA MET B 43 -3.44 7.26 -5.41
C MET B 43 -4.91 7.64 -5.25
N ALA B 44 -5.74 6.64 -4.94
CA ALA B 44 -7.15 6.90 -4.77
C ALA B 44 -7.75 6.10 -3.61
N SER B 45 -8.73 6.71 -2.94
CA SER B 45 -9.43 6.07 -1.84
C SER B 45 -10.48 5.19 -2.51
N THR B 46 -10.77 4.04 -1.92
CA THR B 46 -11.70 3.11 -2.56
C THR B 46 -13.01 2.81 -1.82
N TYR B 47 -13.20 3.41 -0.65
CA TYR B 47 -14.41 3.14 0.12
C TYR B 47 -15.67 3.34 -0.71
N PRO B 48 -16.72 2.56 -0.39
CA PRO B 48 -18.00 2.64 -1.09
C PRO B 48 -18.91 3.60 -0.34
N ALA B 49 -20.19 3.60 -0.69
CA ALA B 49 -21.14 4.47 -0.02
C ALA B 49 -21.09 4.12 1.47
N ARG B 50 -21.32 5.12 2.30
CA ARG B 50 -21.28 4.99 3.74
C ARG B 50 -22.04 3.80 4.35
N GLU B 51 -23.17 3.43 3.75
CA GLU B 51 -23.95 2.32 4.30
C GLU B 51 -23.24 0.99 4.17
N SER B 52 -22.23 0.93 3.31
CA SER B 52 -21.48 -0.31 3.11
C SER B 52 -20.18 -0.42 3.89
N GLY B 53 -19.92 0.54 4.78
CA GLY B 53 -18.70 0.49 5.57
C GLY B 53 -17.53 1.05 4.82
N TYR B 54 -16.32 0.71 5.25
CA TYR B 54 -15.11 1.21 4.62
C TYR B 54 -14.52 0.30 3.57
N VAL B 55 -14.94 -0.96 3.56
CA VAL B 55 -14.43 -1.94 2.60
C VAL B 55 -15.38 -2.19 1.42
N THR B 56 -14.95 -1.79 0.23
CA THR B 56 -15.74 -1.94 -0.98
C THR B 56 -15.61 -3.30 -1.64
N ASP B 57 -16.60 -3.64 -2.48
CA ASP B 57 -16.54 -4.87 -3.25
C ASP B 57 -16.25 -4.36 -4.66
N SER B 58 -16.16 -5.25 -5.64
CA SER B 58 -15.85 -4.81 -7.00
C SER B 58 -16.96 -4.03 -7.69
N ALA B 59 -18.22 -4.38 -7.40
CA ALA B 59 -19.35 -3.70 -8.01
C ALA B 59 -19.41 -2.24 -7.59
N ALA B 60 -19.28 -1.98 -6.30
CA ALA B 60 -19.33 -0.61 -5.78
C ALA B 60 -18.19 0.26 -6.33
N SER B 61 -16.97 -0.28 -6.34
CA SER B 61 -15.82 0.47 -6.82
C SER B 61 -15.87 0.69 -8.34
N ALA B 62 -16.36 -0.32 -9.07
CA ALA B 62 -16.47 -0.18 -10.52
C ALA B 62 -17.51 0.90 -10.83
N THR B 63 -18.57 0.94 -10.04
CA THR B 63 -19.61 1.94 -10.23
C THR B 63 -19.01 3.33 -10.02
N ALA B 64 -18.14 3.47 -9.03
CA ALA B 64 -17.50 4.75 -8.75
C ALA B 64 -16.66 5.21 -9.93
N LEU B 65 -15.82 4.31 -10.44
CA LEU B 65 -14.94 4.62 -11.57
C LEU B 65 -15.69 4.88 -12.88
N ALA B 66 -16.84 4.25 -13.06
CA ALA B 66 -17.61 4.43 -14.28
C ALA B 66 -18.63 5.57 -14.26
N THR B 67 -19.08 5.94 -13.07
CA THR B 67 -20.11 6.97 -12.95
C THR B 67 -19.72 8.19 -12.12
N GLY B 68 -18.73 8.02 -11.24
CA GLY B 68 -18.31 9.12 -10.40
C GLY B 68 -19.23 9.24 -9.19
N PHE B 69 -19.93 8.15 -8.88
CA PHE B 69 -20.86 8.12 -7.75
C PHE B 69 -20.59 6.91 -6.85
N LYS B 70 -20.62 7.13 -5.55
CA LYS B 70 -20.43 6.03 -4.61
C LYS B 70 -21.76 5.29 -4.57
N SER B 71 -21.73 4.05 -4.10
CA SER B 71 -22.96 3.29 -3.97
C SER B 71 -22.68 2.09 -3.08
N TYR B 72 -23.73 1.34 -2.74
CA TYR B 72 -23.57 0.18 -1.87
C TYR B 72 -22.82 -0.97 -2.53
N ASN B 73 -22.24 -1.83 -1.71
CA ASN B 73 -21.51 -3.00 -2.20
C ASN B 73 -22.49 -3.87 -2.99
N GLY B 74 -22.14 -4.17 -4.23
CA GLY B 74 -22.99 -5.00 -5.06
C GLY B 74 -23.74 -4.21 -6.12
N ALA B 75 -23.76 -2.89 -5.99
CA ALA B 75 -24.48 -2.05 -6.95
C ALA B 75 -23.79 -2.02 -8.31
N ILE B 76 -24.61 -1.99 -9.36
CA ILE B 76 -24.09 -1.95 -10.73
C ILE B 76 -24.64 -0.70 -11.43
N ALA B 77 -23.91 0.40 -11.28
CA ALA B 77 -24.31 1.68 -11.88
C ALA B 77 -25.67 2.21 -11.43
N VAL B 78 -25.93 2.13 -10.13
CA VAL B 78 -27.16 2.68 -9.55
C VAL B 78 -26.70 3.28 -8.23
N ASP B 79 -27.35 4.37 -7.79
CA ASP B 79 -26.94 4.99 -6.54
C ASP B 79 -27.57 4.29 -5.34
N ILE B 80 -27.43 4.89 -4.15
CA ILE B 80 -27.95 4.29 -2.93
C ILE B 80 -29.47 4.20 -2.91
N ASN B 81 -30.11 4.89 -3.84
CA ASN B 81 -31.57 4.86 -3.95
C ASN B 81 -31.96 4.00 -5.15
N LYS B 82 -31.00 3.21 -5.63
CA LYS B 82 -31.20 2.33 -6.76
C LYS B 82 -31.59 3.05 -8.04
N ARG B 83 -31.16 4.29 -8.20
CA ARG B 83 -31.46 5.05 -9.41
C ARG B 83 -30.32 4.81 -10.41
N PRO B 84 -30.66 4.59 -11.69
CA PRO B 84 -29.65 4.35 -12.73
C PRO B 84 -28.75 5.55 -12.93
N LEU B 85 -27.44 5.30 -12.98
CA LEU B 85 -26.45 6.36 -13.16
C LEU B 85 -25.90 6.35 -14.57
N THR B 86 -25.58 7.52 -15.10
CA THR B 86 -25.03 7.60 -16.44
C THR B 86 -23.55 7.26 -16.35
N THR B 87 -23.12 6.28 -17.14
CA THR B 87 -21.71 5.88 -17.14
C THR B 87 -20.95 6.67 -18.19
N ILE B 88 -19.63 6.62 -18.12
CA ILE B 88 -18.80 7.35 -19.07
C ILE B 88 -18.98 6.74 -20.47
N MET B 89 -19.38 5.48 -20.50
CA MET B 89 -19.61 4.82 -21.78
C MET B 89 -20.85 5.44 -22.43
N GLN B 90 -21.91 5.63 -21.63
CA GLN B 90 -23.13 6.25 -22.16
C GLN B 90 -22.81 7.67 -22.64
N MET B 91 -22.08 8.42 -21.84
CA MET B 91 -21.71 9.79 -22.22
C MET B 91 -20.94 9.74 -23.53
N ALA B 92 -20.05 8.77 -23.66
CA ALA B 92 -19.24 8.61 -24.85
C ALA B 92 -20.12 8.31 -26.06
N LYS B 93 -21.02 7.33 -25.90
CA LYS B 93 -21.92 6.98 -26.98
C LYS B 93 -22.75 8.18 -27.41
N ALA B 94 -23.20 8.96 -26.43
CA ALA B 94 -24.02 10.14 -26.71
C ALA B 94 -23.24 11.17 -27.52
N ARG B 95 -21.92 11.07 -27.49
CA ARG B 95 -21.08 12.00 -28.23
C ARG B 95 -20.54 11.37 -29.52
N GLY B 96 -21.19 10.28 -29.93
CA GLY B 96 -20.81 9.59 -31.14
C GLY B 96 -19.49 8.85 -31.09
N MET B 97 -19.01 8.59 -29.88
CA MET B 97 -17.75 7.89 -29.71
C MET B 97 -17.98 6.39 -29.60
N SER B 98 -16.95 5.61 -29.90
CA SER B 98 -17.04 4.16 -29.83
C SER B 98 -16.67 3.71 -28.41
N THR B 99 -17.19 2.58 -27.99
CA THR B 99 -16.93 2.06 -26.66
C THR B 99 -16.66 0.57 -26.70
N GLY B 100 -15.98 0.07 -25.67
CA GLY B 100 -15.70 -1.35 -25.61
C GLY B 100 -15.09 -1.78 -24.29
N VAL B 101 -15.15 -3.09 -24.03
CA VAL B 101 -14.58 -3.66 -22.82
C VAL B 101 -13.80 -4.93 -23.18
N ALA B 102 -12.66 -5.11 -22.54
CA ALA B 102 -11.81 -6.28 -22.77
C ALA B 102 -11.36 -6.72 -21.38
N VAL B 103 -11.80 -7.91 -20.97
CA VAL B 103 -11.46 -8.40 -19.64
C VAL B 103 -11.11 -9.87 -19.64
N THR B 104 -10.60 -10.37 -18.52
CA THR B 104 -10.24 -11.78 -18.41
C THR B 104 -11.30 -12.60 -17.65
N ALA B 105 -12.24 -11.92 -17.00
CA ALA B 105 -13.32 -12.60 -16.30
C ALA B 105 -14.50 -12.64 -17.27
N GLN B 106 -15.69 -12.99 -16.80
CA GLN B 106 -16.83 -13.02 -17.70
C GLN B 106 -17.15 -11.58 -18.08
N VAL B 107 -17.55 -11.37 -19.33
CA VAL B 107 -17.87 -10.01 -19.81
C VAL B 107 -18.95 -9.34 -18.96
N ASN B 108 -19.75 -10.12 -18.26
CA ASN B 108 -20.80 -9.55 -17.44
C ASN B 108 -20.47 -9.53 -15.95
N HIS B 109 -19.18 -9.54 -15.63
CA HIS B 109 -18.73 -9.50 -14.24
C HIS B 109 -18.90 -8.07 -13.75
N ALA B 110 -18.82 -7.87 -12.43
CA ALA B 110 -19.01 -6.56 -11.82
C ALA B 110 -18.44 -5.35 -12.56
N THR B 111 -17.12 -5.27 -12.69
CA THR B 111 -16.50 -4.13 -13.34
C THR B 111 -17.08 -3.79 -14.73
N PRO B 112 -16.86 -4.64 -15.73
CA PRO B 112 -17.41 -4.31 -17.05
C PRO B 112 -18.92 -4.05 -17.02
N ALA B 113 -19.62 -4.74 -16.13
CA ALA B 113 -21.06 -4.56 -16.01
C ALA B 113 -21.40 -3.12 -15.62
N ALA B 114 -20.60 -2.55 -14.73
CA ALA B 114 -20.83 -1.18 -14.27
C ALA B 114 -20.63 -0.15 -15.37
N PHE B 115 -19.79 -0.47 -16.34
CA PHE B 115 -19.54 0.47 -17.44
C PHE B 115 -20.56 0.37 -18.57
N LEU B 116 -21.21 -0.79 -18.68
CA LEU B 116 -22.16 -1.00 -19.76
C LEU B 116 -23.64 -1.21 -19.41
N THR B 117 -23.94 -1.56 -18.15
CA THR B 117 -25.33 -1.79 -17.78
C THR B 117 -25.73 -1.16 -16.46
N HIS B 118 -27.00 -1.34 -16.10
CA HIS B 118 -27.56 -0.83 -14.86
C HIS B 118 -28.34 -1.95 -14.20
N ASN B 119 -28.06 -2.21 -12.93
CA ASN B 119 -28.75 -3.27 -12.20
C ASN B 119 -28.52 -3.08 -10.71
N GLU B 120 -29.56 -3.40 -9.92
CA GLU B 120 -29.49 -3.25 -8.48
C GLU B 120 -28.55 -4.26 -7.83
N SER B 121 -28.24 -5.35 -8.54
CA SER B 121 -27.36 -6.38 -7.98
C SER B 121 -26.46 -7.10 -8.98
N ARG B 122 -25.17 -7.10 -8.68
CA ARG B 122 -24.15 -7.75 -9.50
C ARG B 122 -24.45 -9.22 -9.73
N LYS B 123 -25.25 -9.79 -8.82
CA LYS B 123 -25.60 -11.20 -8.91
C LYS B 123 -26.57 -11.57 -10.03
N ASN B 124 -27.27 -10.57 -10.57
CA ASN B 124 -28.23 -10.81 -11.65
C ASN B 124 -27.48 -10.92 -12.98
N TYR B 125 -26.62 -11.94 -13.07
CA TYR B 125 -25.81 -12.17 -14.27
C TYR B 125 -26.59 -12.24 -15.57
N GLU B 126 -27.75 -12.89 -15.54
CA GLU B 126 -28.58 -13.04 -16.74
C GLU B 126 -29.09 -11.71 -17.29
N ALA B 127 -29.63 -10.87 -16.41
CA ALA B 127 -30.16 -9.58 -16.82
C ALA B 127 -29.07 -8.65 -17.29
N ILE B 128 -27.92 -8.67 -16.61
CA ILE B 128 -26.81 -7.82 -17.00
C ILE B 128 -26.42 -8.17 -18.42
N ALA B 129 -26.25 -9.47 -18.67
CA ALA B 129 -25.89 -9.94 -20.01
C ALA B 129 -26.89 -9.41 -21.03
N ALA B 130 -28.18 -9.57 -20.73
CA ALA B 130 -29.23 -9.10 -21.62
C ALA B 130 -29.18 -7.59 -21.77
N ASP B 131 -28.82 -6.91 -20.69
CA ASP B 131 -28.74 -5.46 -20.71
C ASP B 131 -27.62 -4.91 -21.58
N MET B 132 -26.56 -5.70 -21.77
CA MET B 132 -25.45 -5.26 -22.60
C MET B 132 -25.92 -5.09 -24.05
N LEU B 133 -27.06 -5.70 -24.36
CA LEU B 133 -27.61 -5.61 -25.70
C LEU B 133 -28.10 -4.19 -25.95
N LYS B 134 -28.26 -3.41 -24.89
CA LYS B 134 -28.72 -2.05 -25.04
C LYS B 134 -27.64 -0.99 -24.92
N SER B 135 -26.46 -1.39 -24.44
CA SER B 135 -25.34 -0.45 -24.30
C SER B 135 -24.85 0.01 -25.67
N ASP B 136 -24.99 -0.86 -26.66
CA ASP B 136 -24.55 -0.60 -28.03
C ASP B 136 -23.03 -0.53 -28.11
N ALA B 137 -22.36 -1.14 -27.13
CA ALA B 137 -20.91 -1.17 -27.11
C ALA B 137 -20.40 -1.86 -28.37
N ASP B 138 -19.42 -1.24 -29.02
CA ASP B 138 -18.87 -1.79 -30.25
C ASP B 138 -18.00 -3.03 -30.05
N VAL B 139 -17.33 -3.10 -28.90
CA VAL B 139 -16.43 -4.21 -28.58
C VAL B 139 -16.68 -4.77 -27.18
N ILE B 140 -16.98 -6.06 -27.12
CA ILE B 140 -17.22 -6.77 -25.86
C ILE B 140 -16.42 -8.07 -25.95
N LEU B 141 -15.27 -8.11 -25.27
CA LEU B 141 -14.40 -9.27 -25.31
C LEU B 141 -14.05 -9.81 -23.92
N GLY B 142 -14.11 -11.13 -23.78
CA GLY B 142 -13.80 -11.75 -22.49
C GLY B 142 -14.39 -13.15 -22.40
N GLY B 143 -14.74 -13.58 -21.19
CA GLY B 143 -15.33 -14.90 -21.03
C GLY B 143 -16.83 -14.78 -20.85
N GLY B 144 -17.46 -15.84 -20.33
CA GLY B 144 -18.89 -15.79 -20.09
C GLY B 144 -19.86 -16.37 -21.11
N ARG B 145 -19.47 -17.46 -21.78
CA ARG B 145 -20.37 -18.09 -22.77
C ARG B 145 -21.58 -18.60 -21.99
N LYS B 146 -21.31 -19.01 -20.75
CA LYS B 146 -22.31 -19.56 -19.84
C LYS B 146 -23.53 -18.68 -19.64
N TYR B 147 -23.35 -17.37 -19.76
CA TYR B 147 -24.45 -16.43 -19.53
C TYR B 147 -25.18 -15.92 -20.76
N PHE B 148 -24.72 -16.31 -21.96
CA PHE B 148 -25.37 -15.86 -23.18
C PHE B 148 -26.02 -17.01 -23.94
N SER B 149 -27.34 -17.15 -23.77
CA SER B 149 -28.09 -18.21 -24.44
C SER B 149 -28.03 -18.01 -25.94
N GLU B 150 -28.31 -19.08 -26.68
CA GLU B 150 -28.31 -19.04 -28.13
C GLU B 150 -29.26 -17.96 -28.60
N ALA B 151 -30.39 -17.82 -27.93
CA ALA B 151 -31.38 -16.81 -28.30
C ALA B 151 -30.83 -15.41 -28.07
N LEU B 152 -30.16 -15.20 -26.95
CA LEU B 152 -29.59 -13.89 -26.65
C LEU B 152 -28.52 -13.55 -27.69
N VAL B 153 -27.64 -14.52 -27.97
CA VAL B 153 -26.58 -14.31 -28.96
C VAL B 153 -27.26 -13.99 -30.28
N SER B 154 -28.38 -14.64 -30.53
CA SER B 154 -29.12 -14.41 -31.76
C SER B 154 -29.53 -12.94 -31.84
N GLN B 155 -29.97 -12.38 -30.71
CA GLN B 155 -30.39 -11.00 -30.68
C GLN B 155 -29.21 -10.06 -30.98
N PHE B 156 -28.05 -10.36 -30.40
CA PHE B 156 -26.87 -9.54 -30.65
C PHE B 156 -26.57 -9.52 -32.14
N SER B 157 -26.62 -10.69 -32.77
CA SER B 157 -26.35 -10.79 -34.20
C SER B 157 -27.28 -9.87 -35.00
N ALA B 158 -28.54 -9.80 -34.61
CA ALA B 158 -29.52 -8.96 -35.30
C ALA B 158 -29.14 -7.48 -35.20
N LYS B 159 -28.36 -7.14 -34.17
CA LYS B 159 -27.93 -5.75 -33.97
C LYS B 159 -26.62 -5.45 -34.69
N GLY B 160 -26.08 -6.44 -35.41
CA GLY B 160 -24.84 -6.23 -36.12
C GLY B 160 -23.61 -6.77 -35.42
N TYR B 161 -23.83 -7.52 -34.34
CA TYR B 161 -22.71 -8.10 -33.60
C TYR B 161 -22.21 -9.39 -34.21
N GLN B 162 -20.90 -9.50 -34.36
CA GLN B 162 -20.29 -10.70 -34.88
C GLN B 162 -19.92 -11.49 -33.63
N HIS B 163 -20.42 -12.71 -33.55
CA HIS B 163 -20.15 -13.56 -32.40
C HIS B 163 -18.96 -14.50 -32.65
N ILE B 164 -18.02 -14.54 -31.72
CA ILE B 164 -16.84 -15.39 -31.83
C ILE B 164 -16.55 -16.05 -30.47
N THR B 165 -15.84 -17.17 -30.48
CA THR B 165 -15.52 -17.89 -29.26
C THR B 165 -14.08 -18.41 -29.16
N GLU B 166 -13.28 -18.18 -30.19
CA GLU B 166 -11.90 -18.64 -30.18
C GLU B 166 -10.97 -17.50 -30.57
N LEU B 167 -9.81 -17.43 -29.92
CA LEU B 167 -8.83 -16.39 -30.21
C LEU B 167 -8.43 -16.47 -31.69
N ALA B 168 -8.57 -17.66 -32.28
CA ALA B 168 -8.23 -17.86 -33.68
C ALA B 168 -9.08 -16.99 -34.61
N GLN B 169 -10.24 -16.57 -34.13
CA GLN B 169 -11.16 -15.76 -34.92
C GLN B 169 -10.93 -14.25 -34.84
N LEU B 170 -10.06 -13.81 -33.94
CA LEU B 170 -9.79 -12.39 -33.78
C LEU B 170 -9.31 -11.75 -35.08
N ASP B 171 -8.33 -12.39 -35.71
CA ASP B 171 -7.78 -11.89 -36.96
C ASP B 171 -8.84 -11.58 -38.00
N SER B 172 -9.91 -12.37 -38.02
CA SER B 172 -10.98 -12.16 -38.99
C SER B 172 -11.95 -11.05 -38.60
N ILE B 173 -11.76 -10.45 -37.43
CA ILE B 173 -12.64 -9.36 -36.98
C ILE B 173 -11.97 -8.01 -37.25
N THR B 174 -12.45 -7.30 -38.26
CA THR B 174 -11.86 -6.02 -38.62
C THR B 174 -12.86 -4.87 -38.59
N GLN B 175 -14.09 -5.16 -38.16
CA GLN B 175 -15.13 -4.15 -38.10
C GLN B 175 -15.91 -4.15 -36.80
N PRO B 176 -16.43 -2.98 -36.40
CA PRO B 176 -17.22 -2.72 -35.20
C PRO B 176 -18.34 -3.71 -34.94
N LYS B 177 -18.60 -3.91 -33.65
CA LYS B 177 -19.64 -4.79 -33.17
C LYS B 177 -19.19 -6.24 -33.16
N VAL B 178 -18.59 -6.62 -32.05
CA VAL B 178 -18.14 -7.99 -31.89
C VAL B 178 -18.38 -8.45 -30.46
N LEU B 179 -18.94 -9.64 -30.35
CA LEU B 179 -19.20 -10.24 -29.06
C LEU B 179 -18.26 -11.44 -28.99
N GLY B 180 -17.22 -11.31 -28.18
CA GLY B 180 -16.25 -12.38 -28.04
C GLY B 180 -16.32 -12.99 -26.66
N LEU B 181 -16.78 -14.24 -26.61
CA LEU B 181 -16.90 -14.98 -25.36
C LEU B 181 -15.97 -16.17 -25.50
N PHE B 182 -14.75 -16.03 -24.96
CA PHE B 182 -13.72 -17.06 -25.09
C PHE B 182 -13.58 -18.11 -24.00
N ALA B 183 -14.65 -18.36 -23.24
CA ALA B 183 -14.60 -19.35 -22.17
C ALA B 183 -15.96 -19.42 -21.50
N GLU B 184 -16.24 -20.54 -20.83
CA GLU B 184 -17.53 -20.73 -20.15
C GLU B 184 -17.73 -19.60 -19.15
N VAL B 185 -16.74 -19.40 -18.28
CA VAL B 185 -16.79 -18.36 -17.28
C VAL B 185 -15.56 -17.46 -17.50
N GLN B 186 -14.54 -17.59 -16.66
CA GLN B 186 -13.36 -16.74 -16.83
C GLN B 186 -12.34 -17.39 -17.76
N LEU B 187 -11.45 -16.57 -18.31
CA LEU B 187 -10.41 -17.05 -19.19
C LEU B 187 -9.39 -17.82 -18.35
N PRO B 188 -8.56 -18.65 -18.99
CA PRO B 188 -7.55 -19.45 -18.28
C PRO B 188 -6.50 -18.63 -17.53
N TRP B 189 -5.99 -19.18 -16.43
CA TRP B 189 -4.96 -18.50 -15.65
C TRP B 189 -3.76 -18.34 -16.57
N VAL B 190 -3.05 -17.22 -16.43
CA VAL B 190 -1.87 -16.98 -17.25
C VAL B 190 -0.79 -18.04 -16.99
N ILE B 191 -0.59 -18.40 -15.72
CA ILE B 191 0.42 -19.38 -15.37
C ILE B 191 0.17 -20.78 -15.96
N ASP B 192 -1.09 -21.10 -16.27
CA ASP B 192 -1.43 -22.40 -16.85
C ASP B 192 -1.66 -22.31 -18.36
N ASP B 193 -1.44 -21.13 -18.94
CA ASP B 193 -1.66 -20.97 -20.35
C ASP B 193 -0.37 -21.06 -21.14
N THR B 194 -0.49 -20.92 -22.46
CA THR B 194 0.65 -20.98 -23.37
C THR B 194 1.55 -19.74 -23.29
N ASP B 195 0.96 -18.60 -22.91
CA ASP B 195 1.70 -17.35 -22.79
C ASP B 195 0.84 -16.30 -22.08
N ALA B 196 1.46 -15.18 -21.67
CA ALA B 196 0.72 -14.13 -20.98
C ALA B 196 0.22 -13.03 -21.92
N ASN B 197 -0.07 -13.38 -23.17
CA ASN B 197 -0.49 -12.37 -24.14
C ASN B 197 -1.96 -12.32 -24.53
N THR B 198 -2.79 -13.18 -23.92
CA THR B 198 -4.19 -13.18 -24.27
C THR B 198 -4.84 -11.81 -24.06
N LEU B 199 -4.75 -11.23 -22.87
CA LEU B 199 -5.35 -9.92 -22.66
C LEU B 199 -4.76 -8.85 -23.59
N SER B 200 -3.48 -8.95 -23.91
CA SER B 200 -2.84 -7.98 -24.81
C SER B 200 -3.46 -8.03 -26.20
N LYS B 201 -3.89 -9.23 -26.59
CA LYS B 201 -4.52 -9.44 -27.89
C LYS B 201 -5.93 -8.85 -27.92
N LEU B 202 -6.67 -9.02 -26.84
CA LEU B 202 -8.02 -8.47 -26.78
C LEU B 202 -7.92 -6.96 -26.74
N THR B 203 -6.89 -6.47 -26.07
CA THR B 203 -6.66 -5.04 -25.96
C THR B 203 -6.32 -4.48 -27.33
N GLN B 204 -5.28 -5.04 -27.96
CA GLN B 204 -4.85 -4.58 -29.28
C GLN B 204 -5.97 -4.62 -30.30
N LYS B 205 -6.85 -5.61 -30.19
CA LYS B 205 -7.95 -5.73 -31.12
C LYS B 205 -8.99 -4.65 -30.85
N SER B 206 -9.11 -4.25 -29.59
CA SER B 206 -10.07 -3.21 -29.24
C SER B 206 -9.59 -1.89 -29.83
N LEU B 207 -8.31 -1.59 -29.63
CA LEU B 207 -7.70 -0.38 -30.15
C LEU B 207 -7.81 -0.30 -31.67
N ASP B 208 -7.55 -1.41 -32.36
CA ASP B 208 -7.63 -1.44 -33.82
C ASP B 208 -9.01 -0.99 -34.27
N LEU B 209 -10.05 -1.58 -33.68
CA LEU B 209 -11.42 -1.21 -34.06
C LEU B 209 -11.82 0.18 -33.59
N LEU B 210 -11.68 0.43 -32.30
CA LEU B 210 -12.06 1.71 -31.71
C LEU B 210 -11.39 2.93 -32.35
N SER B 211 -10.09 2.85 -32.62
CA SER B 211 -9.37 3.97 -33.18
C SER B 211 -9.81 4.37 -34.59
N GLN B 212 -10.67 3.57 -35.21
CA GLN B 212 -11.15 3.89 -36.55
C GLN B 212 -12.26 4.95 -36.49
N ASN B 213 -12.66 5.33 -35.27
CA ASN B 213 -13.69 6.34 -35.09
C ASN B 213 -13.00 7.68 -34.85
N GLU B 214 -13.11 8.58 -35.82
CA GLU B 214 -12.50 9.90 -35.75
C GLU B 214 -12.89 10.64 -34.47
N LYS B 215 -14.10 10.41 -33.98
CA LYS B 215 -14.57 11.07 -32.78
C LYS B 215 -13.91 10.59 -31.49
N GLY B 216 -13.24 9.46 -31.56
CA GLY B 216 -12.59 8.95 -30.36
C GLY B 216 -13.32 7.75 -29.78
N PHE B 217 -12.90 7.35 -28.59
CA PHE B 217 -13.49 6.18 -27.94
C PHE B 217 -13.11 6.10 -26.46
N VAL B 218 -13.80 5.21 -25.76
CA VAL B 218 -13.53 4.95 -24.35
C VAL B 218 -13.50 3.44 -24.22
N LEU B 219 -12.32 2.91 -23.91
CA LEU B 219 -12.12 1.47 -23.77
C LEU B 219 -11.79 1.07 -22.35
N LEU B 220 -12.46 0.04 -21.85
CA LEU B 220 -12.19 -0.49 -20.52
C LEU B 220 -11.44 -1.81 -20.67
N VAL B 221 -10.29 -1.90 -20.00
CA VAL B 221 -9.50 -3.12 -20.01
C VAL B 221 -9.33 -3.55 -18.56
N GLU B 222 -9.72 -4.78 -18.24
CA GLU B 222 -9.58 -5.24 -16.86
C GLU B 222 -8.75 -6.51 -16.72
N GLY B 223 -7.80 -6.48 -15.79
CA GLY B 223 -6.99 -7.64 -15.49
C GLY B 223 -7.78 -8.24 -14.34
N SER B 224 -8.91 -8.83 -14.71
CA SER B 224 -9.85 -9.41 -13.75
C SER B 224 -9.38 -10.50 -12.81
N LEU B 225 -8.54 -11.41 -13.30
CA LEU B 225 -8.12 -12.52 -12.47
C LEU B 225 -7.04 -12.26 -11.43
N ILE B 226 -6.59 -11.02 -11.34
CA ILE B 226 -5.59 -10.66 -10.33
C ILE B 226 -6.36 -10.81 -9.02
N ASP B 227 -7.57 -10.25 -9.02
CA ASP B 227 -8.46 -10.29 -7.86
C ASP B 227 -8.81 -11.72 -7.46
N TRP B 228 -9.10 -12.56 -8.45
CA TRP B 228 -9.45 -13.96 -8.20
C TRP B 228 -8.30 -14.69 -7.51
N ALA B 229 -7.09 -14.52 -8.04
CA ALA B 229 -5.92 -15.15 -7.46
C ALA B 229 -5.72 -14.61 -6.05
N GLY B 230 -5.98 -13.31 -5.88
CA GLY B 230 -5.83 -12.70 -4.57
C GLY B 230 -6.76 -13.34 -3.58
N HIS B 231 -8.00 -13.60 -3.98
CA HIS B 231 -8.98 -14.23 -3.11
C HIS B 231 -8.53 -15.62 -2.68
N ASN B 232 -7.92 -16.36 -3.59
CA ASN B 232 -7.44 -17.71 -3.29
C ASN B 232 -6.03 -17.67 -2.69
N ASN B 233 -5.59 -16.49 -2.26
CA ASN B 233 -4.25 -16.30 -1.68
C ASN B 233 -3.22 -17.11 -2.49
N ASP B 234 -3.25 -16.92 -3.80
CA ASP B 234 -2.36 -17.63 -4.72
C ASP B 234 -1.36 -16.65 -5.32
N ILE B 235 -0.18 -16.55 -4.72
CA ILE B 235 0.84 -15.62 -5.17
C ILE B 235 1.46 -15.89 -6.55
N ALA B 236 1.79 -17.15 -6.82
CA ALA B 236 2.39 -17.50 -8.11
C ALA B 236 1.43 -17.22 -9.26
N THR B 237 0.15 -17.50 -9.05
CA THR B 237 -0.86 -17.26 -10.07
C THR B 237 -1.15 -15.77 -10.16
N ALA B 238 -1.07 -15.08 -9.02
CA ALA B 238 -1.31 -13.65 -9.00
C ALA B 238 -0.24 -12.92 -9.79
N MET B 239 1.03 -13.27 -9.58
CA MET B 239 2.13 -12.63 -10.30
C MET B 239 1.99 -12.85 -11.81
N ALA B 240 1.50 -14.01 -12.21
CA ALA B 240 1.32 -14.29 -13.63
C ALA B 240 0.23 -13.39 -14.22
N GLU B 241 -0.87 -13.20 -13.50
CA GLU B 241 -1.94 -12.33 -13.97
C GLU B 241 -1.44 -10.88 -14.07
N MET B 242 -0.52 -10.51 -13.19
CA MET B 242 0.06 -9.18 -13.20
C MET B 242 0.88 -9.01 -14.49
N GLN B 243 1.55 -10.08 -14.92
CA GLN B 243 2.38 -10.00 -16.12
C GLN B 243 1.49 -9.77 -17.33
N GLY B 244 0.35 -10.47 -17.36
CA GLY B 244 -0.58 -10.32 -18.45
C GLY B 244 -1.20 -8.93 -18.48
N PHE B 245 -1.42 -8.35 -17.31
CA PHE B 245 -2.00 -7.01 -17.22
C PHE B 245 -0.94 -5.99 -17.63
N ALA B 246 0.29 -6.20 -17.17
CA ALA B 246 1.38 -5.29 -17.50
C ALA B 246 1.65 -5.30 -19.01
N ASN B 247 1.46 -6.45 -19.65
CA ASN B 247 1.65 -6.53 -21.09
C ASN B 247 0.59 -5.73 -21.79
N ALA B 248 -0.66 -5.86 -21.33
CA ALA B 248 -1.75 -5.12 -21.93
C ALA B 248 -1.46 -3.62 -21.82
N ILE B 249 -0.96 -3.18 -20.67
CA ILE B 249 -0.64 -1.78 -20.46
C ILE B 249 0.43 -1.33 -21.47
N GLU B 250 1.36 -2.23 -21.77
CA GLU B 250 2.43 -1.95 -22.74
C GLU B 250 1.84 -1.75 -24.13
N VAL B 251 0.82 -2.55 -24.46
CA VAL B 251 0.16 -2.43 -25.76
C VAL B 251 -0.38 -1.02 -25.92
N VAL B 252 -1.01 -0.49 -24.88
CA VAL B 252 -1.58 0.85 -24.93
C VAL B 252 -0.51 1.95 -25.00
N GLU B 253 0.61 1.75 -24.30
CA GLU B 253 1.67 2.74 -24.34
C GLU B 253 2.14 2.85 -25.78
N GLN B 254 2.35 1.70 -26.41
CA GLN B 254 2.79 1.64 -27.80
C GLN B 254 1.78 2.43 -28.65
N TYR B 255 0.50 2.11 -28.47
CA TYR B 255 -0.57 2.79 -29.18
C TYR B 255 -0.40 4.31 -29.06
N ILE B 256 -0.33 4.79 -27.83
CA ILE B 256 -0.21 6.22 -27.57
C ILE B 256 0.97 6.85 -28.28
N ARG B 257 2.09 6.13 -28.34
CA ARG B 257 3.27 6.64 -29.02
C ARG B 257 2.90 6.90 -30.49
N GLN B 258 1.93 6.15 -31.00
CA GLN B 258 1.48 6.30 -32.38
C GLN B 258 0.20 7.14 -32.52
N HIS B 259 -0.46 7.40 -31.40
CA HIS B 259 -1.69 8.19 -31.38
C HIS B 259 -1.56 9.13 -30.21
N PRO B 260 -0.89 10.27 -30.42
CA PRO B 260 -0.67 11.27 -29.37
C PRO B 260 -1.92 11.78 -28.66
N ASP B 261 -3.03 11.92 -29.38
CA ASP B 261 -4.27 12.42 -28.77
C ASP B 261 -5.01 11.28 -28.09
N THR B 262 -4.47 10.86 -26.96
CA THR B 262 -5.03 9.76 -26.18
C THR B 262 -4.74 9.91 -24.69
N LEU B 263 -5.57 9.29 -23.87
CA LEU B 263 -5.39 9.31 -22.44
C LEU B 263 -5.46 7.89 -21.89
N LEU B 264 -4.45 7.51 -21.13
CA LEU B 264 -4.42 6.20 -20.50
C LEU B 264 -4.45 6.42 -18.99
N VAL B 265 -5.34 5.70 -18.33
CA VAL B 265 -5.44 5.76 -16.88
C VAL B 265 -5.49 4.33 -16.39
N VAL B 266 -4.61 4.01 -15.46
CA VAL B 266 -4.56 2.68 -14.88
C VAL B 266 -4.77 2.87 -13.39
N THR B 267 -5.53 1.97 -12.79
CA THR B 267 -5.75 2.03 -11.36
C THR B 267 -6.28 0.68 -10.93
N ALA B 268 -6.61 0.56 -9.65
CA ALA B 268 -7.16 -0.66 -9.12
C ALA B 268 -8.53 -0.28 -8.59
N ASP B 269 -9.41 -1.24 -8.41
CA ASP B 269 -10.73 -0.94 -7.88
C ASP B 269 -10.67 -1.02 -6.35
N HIS B 270 -9.77 -1.86 -5.86
CA HIS B 270 -9.59 -2.08 -4.42
C HIS B 270 -8.45 -3.08 -4.27
N ASN B 271 -8.04 -3.32 -3.03
CA ASN B 271 -7.00 -4.31 -2.76
C ASN B 271 -7.68 -5.62 -2.35
N THR B 272 -6.99 -6.73 -2.55
CA THR B 272 -7.54 -8.04 -2.22
C THR B 272 -6.55 -8.95 -1.48
N GLY B 273 -7.03 -9.67 -0.48
CA GLY B 273 -6.21 -10.62 0.25
C GLY B 273 -5.19 -10.13 1.29
N GLY B 274 -4.90 -8.84 1.32
CA GLY B 274 -3.93 -8.36 2.28
C GLY B 274 -2.53 -8.89 2.02
N LEU B 275 -2.22 -9.10 0.74
CA LEU B 275 -0.90 -9.60 0.33
C LEU B 275 0.22 -8.76 0.95
N SER B 276 1.32 -9.42 1.33
CA SER B 276 2.48 -8.72 1.88
C SER B 276 3.78 -9.37 1.40
N ILE B 277 4.76 -8.51 1.10
CA ILE B 277 6.08 -8.92 0.64
C ILE B 277 6.92 -9.10 1.91
N GLY B 278 7.00 -10.34 2.37
CA GLY B 278 7.70 -10.66 3.60
C GLY B 278 6.61 -11.12 4.54
N ALA B 279 6.91 -12.04 5.45
CA ALA B 279 5.90 -12.53 6.37
C ALA B 279 6.46 -13.36 7.51
N ASN B 280 5.68 -13.51 8.57
CA ASN B 280 6.06 -14.31 9.72
C ASN B 280 7.43 -13.96 10.31
N GLY B 281 7.67 -12.67 10.50
CA GLY B 281 8.93 -12.23 11.06
C GLY B 281 10.13 -12.27 10.13
N GLU B 282 9.93 -12.78 8.92
CA GLU B 282 11.02 -12.88 7.96
C GLU B 282 11.17 -11.60 7.13
N TYR B 283 12.35 -10.99 7.20
CA TYR B 283 12.65 -9.77 6.46
C TYR B 283 13.17 -10.09 5.08
N GLN B 284 12.35 -10.71 4.25
CA GLN B 284 12.76 -11.06 2.91
C GLN B 284 11.58 -11.64 2.14
N TRP B 285 11.75 -11.75 0.84
CA TRP B 285 10.74 -12.30 -0.03
C TRP B 285 11.51 -13.11 -1.06
N ASP B 286 11.40 -14.44 -0.96
CA ASP B 286 12.13 -15.32 -1.85
C ASP B 286 11.54 -15.38 -3.24
N THR B 287 11.96 -14.48 -4.12
CA THR B 287 11.47 -14.44 -5.50
C THR B 287 12.08 -15.53 -6.38
N LYS B 288 13.23 -16.05 -5.98
CA LYS B 288 13.89 -17.08 -6.76
C LYS B 288 13.03 -18.34 -6.80
N LEU B 289 12.35 -18.61 -5.69
CA LEU B 289 11.49 -19.77 -5.57
C LEU B 289 10.17 -19.66 -6.35
N PRO B 290 9.47 -18.51 -6.26
CA PRO B 290 8.21 -18.30 -6.96
C PRO B 290 8.39 -18.43 -8.46
N LYS B 291 9.43 -17.78 -8.98
CA LYS B 291 9.73 -17.82 -10.40
C LYS B 291 9.85 -19.26 -10.88
N GLY B 292 10.24 -20.15 -9.97
CA GLY B 292 10.40 -21.56 -10.31
C GLY B 292 9.09 -22.33 -10.38
N ILE B 293 8.02 -21.73 -9.88
CA ILE B 293 6.72 -22.39 -9.92
C ILE B 293 6.19 -22.22 -11.34
N SER B 294 5.94 -23.34 -12.02
CA SER B 294 5.49 -23.29 -13.40
C SER B 294 4.02 -23.60 -13.65
N ALA B 295 3.23 -23.69 -12.60
CA ALA B 295 1.80 -23.97 -12.76
C ALA B 295 1.04 -23.53 -11.51
N SER B 296 -0.27 -23.33 -11.65
CA SER B 296 -1.07 -22.90 -10.51
C SER B 296 -1.23 -24.04 -9.51
N PRO B 297 -1.33 -23.71 -8.22
CA PRO B 297 -1.50 -24.79 -7.23
C PRO B 297 -2.70 -25.65 -7.61
N ALA B 298 -3.70 -25.03 -8.22
CA ALA B 298 -4.90 -25.74 -8.63
C ALA B 298 -4.50 -26.81 -9.65
N SER B 299 -3.82 -26.39 -10.71
CA SER B 299 -3.37 -27.30 -11.74
C SER B 299 -2.48 -28.38 -11.15
N ILE B 300 -1.55 -27.98 -10.27
CA ILE B 300 -0.64 -28.92 -9.64
C ILE B 300 -1.40 -29.98 -8.86
N ALA B 301 -2.44 -29.54 -8.13
CA ALA B 301 -3.24 -30.44 -7.32
C ALA B 301 -4.03 -31.42 -8.18
N THR B 302 -4.78 -30.91 -9.15
CA THR B 302 -5.59 -31.77 -10.00
C THR B 302 -4.72 -32.86 -10.61
N HIS B 303 -3.57 -32.48 -11.14
CA HIS B 303 -2.68 -33.46 -11.73
C HIS B 303 -2.18 -34.46 -10.68
N ALA B 304 -1.80 -33.96 -9.51
CA ALA B 304 -1.30 -34.83 -8.46
C ALA B 304 -2.32 -35.85 -7.98
N ILE B 305 -3.56 -35.42 -7.72
CA ILE B 305 -4.57 -36.36 -7.26
C ILE B 305 -4.95 -37.34 -8.36
N ALA B 306 -4.84 -36.91 -9.61
CA ALA B 306 -5.19 -37.76 -10.75
C ALA B 306 -4.15 -38.83 -11.05
N ALA B 307 -2.90 -38.54 -10.72
CA ALA B 307 -1.80 -39.44 -11.03
C ALA B 307 -1.44 -40.48 -9.97
N ASP B 308 -0.79 -41.53 -10.45
CA ASP B 308 -0.30 -42.64 -9.62
C ASP B 308 1.00 -42.16 -9.00
N ASP B 309 2.01 -42.01 -9.84
CA ASP B 309 3.33 -41.53 -9.41
C ASP B 309 3.22 -40.02 -9.49
N TRP B 310 2.92 -39.37 -8.36
CA TRP B 310 2.76 -37.92 -8.36
C TRP B 310 3.84 -37.12 -7.65
N GLN B 311 4.64 -37.78 -6.82
CA GLN B 311 5.70 -37.10 -6.08
C GLN B 311 6.59 -36.21 -6.93
N ALA B 312 7.25 -36.82 -7.92
CA ALA B 312 8.15 -36.10 -8.81
C ALA B 312 7.42 -35.02 -9.59
N GLY B 313 6.14 -35.26 -9.86
CA GLY B 313 5.35 -34.29 -10.60
C GLY B 313 5.24 -32.97 -9.88
N VAL B 314 4.84 -33.02 -8.61
CA VAL B 314 4.69 -31.81 -7.80
C VAL B 314 6.01 -31.02 -7.70
N ASN B 315 7.09 -31.69 -7.34
CA ASN B 315 8.39 -31.02 -7.22
C ASN B 315 8.77 -30.34 -8.53
N GLN B 316 8.46 -31.03 -9.63
CA GLN B 316 8.76 -30.54 -10.96
C GLN B 316 8.03 -29.23 -11.24
N GLN B 317 6.77 -29.15 -10.81
CA GLN B 317 5.95 -27.96 -11.02
C GLN B 317 6.20 -26.86 -10.01
N LEU B 318 6.67 -27.23 -8.83
CA LEU B 318 6.96 -26.25 -7.78
C LEU B 318 8.32 -25.61 -8.05
N GLY B 319 9.17 -26.34 -8.77
CA GLY B 319 10.49 -25.82 -9.09
C GLY B 319 11.52 -26.16 -8.02
N PHE B 320 11.08 -26.82 -6.96
CA PHE B 320 11.99 -27.19 -5.89
C PHE B 320 11.50 -28.49 -5.26
N ASP B 321 12.43 -29.26 -4.73
CA ASP B 321 12.08 -30.52 -4.10
C ASP B 321 11.56 -30.35 -2.69
N VAL B 322 10.29 -30.75 -2.51
CA VAL B 322 9.62 -30.67 -1.22
C VAL B 322 10.34 -31.54 -0.19
N ASN B 323 10.23 -31.18 1.09
CA ASN B 323 10.88 -31.96 2.14
C ASN B 323 9.97 -32.99 2.79
N SER B 324 10.56 -33.76 3.69
CA SER B 324 9.87 -34.82 4.41
C SER B 324 8.52 -34.36 4.95
N THR B 325 8.53 -33.37 5.82
CA THR B 325 7.32 -32.86 6.45
C THR B 325 6.30 -32.31 5.45
N GLU B 326 6.79 -31.63 4.41
CA GLU B 326 5.90 -31.05 3.40
C GLU B 326 5.25 -32.17 2.58
N LEU B 327 6.02 -33.22 2.30
CA LEU B 327 5.50 -34.35 1.53
C LEU B 327 4.32 -35.01 2.23
N GLN B 328 4.44 -35.19 3.54
CA GLN B 328 3.37 -35.81 4.31
C GLN B 328 2.14 -34.92 4.40
N GLN B 329 2.35 -33.61 4.45
CA GLN B 329 1.24 -32.67 4.50
C GLN B 329 0.49 -32.78 3.17
N LEU B 330 1.25 -32.95 2.09
CA LEU B 330 0.68 -33.08 0.75
C LEU B 330 0.01 -34.44 0.59
N THR B 331 0.70 -35.49 1.03
CA THR B 331 0.17 -36.85 0.93
C THR B 331 -1.21 -36.94 1.55
N ASN B 332 -1.36 -36.37 2.74
CA ASN B 332 -2.64 -36.38 3.46
C ASN B 332 -3.71 -35.51 2.81
N ALA B 333 -3.34 -34.29 2.41
CA ALA B 333 -4.29 -33.40 1.78
C ALA B 333 -4.78 -34.04 0.48
N ARG B 334 -3.87 -34.75 -0.17
CA ARG B 334 -4.17 -35.40 -1.43
C ARG B 334 -5.26 -36.45 -1.26
N MET B 335 -5.34 -37.04 -0.07
CA MET B 335 -6.33 -38.06 0.22
C MET B 335 -7.74 -37.51 0.37
N GLN B 336 -7.84 -36.22 0.69
CA GLN B 336 -9.16 -35.60 0.85
C GLN B 336 -9.69 -35.02 -0.45
N GLY B 337 -8.81 -34.45 -1.28
CA GLY B 337 -9.27 -33.90 -2.53
C GLY B 337 -8.47 -32.73 -3.10
N LYS B 338 -8.79 -32.41 -4.34
CA LYS B 338 -8.15 -31.32 -5.07
C LYS B 338 -8.07 -30.04 -4.24
N SER B 339 -9.20 -29.62 -3.69
CA SER B 339 -9.27 -28.41 -2.90
C SER B 339 -8.38 -28.38 -1.67
N THR B 340 -8.42 -29.43 -0.84
CA THR B 340 -7.60 -29.44 0.37
C THR B 340 -6.13 -29.54 -0.01
N LEU B 341 -5.84 -30.14 -1.17
CA LEU B 341 -4.47 -30.27 -1.63
C LEU B 341 -3.94 -28.89 -2.02
N GLU B 342 -4.77 -28.14 -2.74
CA GLU B 342 -4.41 -26.79 -3.19
C GLU B 342 -3.98 -25.95 -2.00
N VAL B 343 -4.77 -26.00 -0.95
CA VAL B 343 -4.47 -25.24 0.25
C VAL B 343 -3.12 -25.64 0.84
N ALA B 344 -2.84 -26.95 0.85
CA ALA B 344 -1.58 -27.45 1.39
C ALA B 344 -0.41 -26.95 0.55
N LEU B 345 -0.58 -26.95 -0.77
CA LEU B 345 0.47 -26.48 -1.66
C LEU B 345 0.72 -24.99 -1.47
N LYS B 346 -0.36 -24.20 -1.39
CA LYS B 346 -0.24 -22.76 -1.21
C LYS B 346 0.41 -22.41 0.13
N LYS B 347 0.14 -23.24 1.14
CA LYS B 347 0.71 -23.01 2.47
C LYS B 347 2.22 -23.17 2.37
N ILE B 348 2.66 -24.16 1.59
CA ILE B 348 4.09 -24.40 1.43
C ILE B 348 4.71 -23.26 0.62
N ILE B 349 4.04 -22.86 -0.46
CA ILE B 349 4.55 -21.79 -1.29
C ILE B 349 4.73 -20.51 -0.48
N ASP B 350 3.72 -20.13 0.28
CA ASP B 350 3.77 -18.92 1.09
C ASP B 350 4.83 -19.00 2.18
N THR B 351 4.87 -20.13 2.88
CA THR B 351 5.83 -20.33 3.95
C THR B 351 7.28 -20.20 3.47
N ARG B 352 7.60 -20.86 2.36
CA ARG B 352 8.97 -20.80 1.85
C ARG B 352 9.30 -19.54 1.05
N SER B 353 8.28 -18.81 0.62
CA SER B 353 8.51 -17.59 -0.15
C SER B 353 8.39 -16.35 0.73
N TYR B 354 7.83 -16.52 1.92
CA TYR B 354 7.64 -15.42 2.87
C TYR B 354 6.60 -14.44 2.35
N THR B 355 5.54 -15.00 1.77
CA THR B 355 4.45 -14.21 1.23
C THR B 355 3.31 -14.29 2.25
N GLY B 356 2.77 -13.13 2.63
CA GLY B 356 1.69 -13.11 3.60
C GLY B 356 0.33 -12.74 3.04
N TRP B 357 -0.70 -13.04 3.81
CA TRP B 357 -2.08 -12.74 3.44
C TRP B 357 -2.83 -12.52 4.76
N THR B 358 -3.89 -11.73 4.72
CA THR B 358 -4.66 -11.47 5.93
C THR B 358 -6.11 -11.89 5.77
N THR B 359 -6.54 -12.09 4.51
CA THR B 359 -7.93 -12.44 4.28
C THR B 359 -8.18 -13.02 2.90
N SER B 360 -9.36 -13.59 2.73
CA SER B 360 -9.76 -14.16 1.46
C SER B 360 -10.67 -13.14 0.76
N GLY B 361 -10.92 -12.01 1.43
CA GLY B 361 -11.76 -10.98 0.86
C GLY B 361 -10.97 -9.74 0.45
N HIS B 362 -11.55 -8.56 0.63
CA HIS B 362 -10.87 -7.30 0.28
C HIS B 362 -10.35 -6.57 1.52
N THR B 363 -9.56 -5.52 1.28
CA THR B 363 -9.04 -4.68 2.37
C THR B 363 -9.20 -3.24 1.89
N GLY B 364 -9.22 -2.28 2.82
CA GLY B 364 -9.43 -0.90 2.44
C GLY B 364 -8.30 0.04 2.06
N VAL B 365 -7.06 -0.43 2.06
CA VAL B 365 -5.92 0.44 1.70
C VAL B 365 -6.13 1.14 0.36
N ASP B 366 -5.69 2.39 0.25
CA ASP B 366 -5.85 3.12 -1.00
C ASP B 366 -5.04 2.41 -2.09
N VAL B 367 -5.41 2.61 -3.34
CA VAL B 367 -4.71 1.98 -4.46
C VAL B 367 -4.04 3.07 -5.30
N GLN B 368 -3.14 2.67 -6.20
CA GLN B 368 -2.43 3.60 -7.04
C GLN B 368 -3.18 4.02 -8.30
N VAL B 369 -2.79 5.18 -8.83
CA VAL B 369 -3.35 5.71 -10.06
C VAL B 369 -2.20 6.02 -11.01
N PHE B 370 -2.28 5.45 -12.20
CA PHE B 370 -1.25 5.63 -13.22
C PHE B 370 -1.92 6.29 -14.41
N ALA B 371 -1.15 7.07 -15.17
CA ALA B 371 -1.69 7.76 -16.34
C ALA B 371 -0.60 8.11 -17.36
N MET B 372 -1.02 8.24 -18.61
CA MET B 372 -0.13 8.58 -19.71
C MET B 372 -0.95 9.34 -20.75
N GLY B 373 -0.33 10.36 -21.36
CA GLY B 373 -1.03 11.16 -22.34
C GLY B 373 -0.99 12.61 -21.92
N PRO B 374 -1.42 13.54 -22.78
CA PRO B 374 -1.38 14.96 -22.41
C PRO B 374 -2.07 15.32 -21.09
N ALA B 375 -3.22 14.72 -20.81
CA ALA B 375 -3.97 15.02 -19.60
C ALA B 375 -3.61 14.17 -18.37
N ALA B 376 -2.47 13.49 -18.41
CA ALA B 376 -2.05 12.63 -17.30
C ALA B 376 -1.99 13.36 -15.96
N ASP B 377 -1.55 14.62 -15.98
CA ASP B 377 -1.41 15.41 -14.77
C ASP B 377 -2.70 15.67 -13.98
N LEU B 378 -3.85 15.44 -14.60
CA LEU B 378 -5.11 15.66 -13.90
C LEU B 378 -5.30 14.65 -12.77
N PHE B 379 -4.58 13.54 -12.85
CA PHE B 379 -4.71 12.47 -11.87
C PHE B 379 -3.59 12.40 -10.82
N LYS B 380 -2.84 13.49 -10.66
CA LYS B 380 -1.75 13.55 -9.70
C LYS B 380 -2.20 13.64 -8.24
N GLY B 381 -1.38 13.11 -7.34
CA GLY B 381 -1.69 13.15 -5.92
C GLY B 381 -2.82 12.25 -5.47
N ASN B 382 -3.38 12.58 -4.31
CA ASN B 382 -4.50 11.82 -3.75
C ASN B 382 -5.83 12.31 -4.29
N GLN B 383 -6.76 11.37 -4.45
CA GLN B 383 -8.10 11.67 -4.94
C GLN B 383 -8.99 10.52 -4.54
N ASP B 384 -10.30 10.73 -4.62
CA ASP B 384 -11.23 9.66 -4.33
C ASP B 384 -11.39 8.96 -5.66
N ASN B 385 -11.80 7.69 -5.66
CA ASN B 385 -11.95 6.98 -6.92
C ASN B 385 -13.00 7.60 -7.84
N THR B 386 -14.03 8.20 -7.25
CA THR B 386 -15.08 8.82 -8.06
C THR B 386 -14.51 9.99 -8.88
N HIS B 387 -13.45 10.60 -8.39
CA HIS B 387 -12.85 11.74 -9.10
C HIS B 387 -12.13 11.32 -10.38
N ILE B 388 -11.69 10.07 -10.45
CA ILE B 388 -11.03 9.57 -11.65
C ILE B 388 -12.07 9.60 -12.78
N ALA B 389 -13.32 9.31 -12.42
CA ALA B 389 -14.42 9.30 -13.36
C ALA B 389 -14.69 10.72 -13.83
N GLU B 390 -14.79 11.65 -12.88
CA GLU B 390 -15.04 13.05 -13.19
C GLU B 390 -14.01 13.64 -14.15
N LYS B 391 -12.73 13.39 -13.88
CA LYS B 391 -11.65 13.91 -14.72
C LYS B 391 -11.74 13.34 -16.11
N MET B 392 -11.83 12.02 -16.22
CA MET B 392 -11.94 11.40 -17.55
C MET B 392 -13.14 11.96 -18.30
N MET B 393 -14.26 12.14 -17.60
CA MET B 393 -15.46 12.66 -18.24
C MET B 393 -15.28 14.11 -18.70
N SER B 394 -14.43 14.87 -18.01
CA SER B 394 -14.22 16.27 -18.38
C SER B 394 -13.45 16.42 -19.70
N LEU B 395 -12.81 15.35 -20.16
CA LEU B 395 -12.06 15.39 -21.41
C LEU B 395 -12.94 14.97 -22.58
N LEU B 396 -14.16 14.56 -22.28
CA LEU B 396 -15.10 14.14 -23.32
C LEU B 396 -15.44 15.39 -24.13
N PRO B 397 -15.68 15.24 -25.45
CA PRO B 397 -16.01 16.41 -26.27
C PRO B 397 -17.36 17.07 -25.96
N LYS B 398 -17.45 18.34 -26.35
CA LYS B 398 -18.65 19.19 -26.19
C LYS B 398 -18.20 20.49 -25.51
#